data_1IOJ
#
_entry.id   1IOJ
#
_cell.length_a   1.000
_cell.length_b   1.000
_cell.length_c   1.000
_cell.angle_alpha   90.00
_cell.angle_beta   90.00
_cell.angle_gamma   90.00
#
_symmetry.space_group_name_H-M   'P 1'
#
_entity_poly.entity_id   1
_entity_poly.type   'polypeptide(L)'
_entity_poly.pdbx_seq_one_letter_code
;TPDVSSALDKLKEFGNTLEDKARELISRIKQSELSAKMREWFSETFQKVKEKLKIDS
;
_entity_poly.pdbx_strand_id   A
#
# COMPACT_ATOMS: atom_id res chain seq x y z
N THR A 1 -1.18 9.86 3.13
CA THR A 1 -0.72 10.65 4.30
C THR A 1 0.85 10.71 4.32
N PRO A 2 1.55 11.59 3.54
CA PRO A 2 3.03 11.51 3.36
C PRO A 2 3.79 12.34 4.44
N ASP A 3 4.79 11.69 5.08
CA ASP A 3 5.64 12.34 6.12
C ASP A 3 6.74 13.20 5.43
N VAL A 4 6.73 14.51 5.76
CA VAL A 4 7.49 15.54 4.99
C VAL A 4 8.91 15.73 5.65
N SER A 5 9.93 16.08 4.83
CA SER A 5 11.24 16.57 5.32
C SER A 5 11.83 17.49 4.22
N SER A 6 11.24 18.71 4.07
CA SER A 6 11.36 19.57 2.86
C SER A 6 11.16 18.85 1.48
N ALA A 7 9.99 18.20 1.31
CA ALA A 7 9.64 17.42 0.09
C ALA A 7 8.35 18.02 -0.53
N LEU A 8 7.18 17.91 0.16
CA LEU A 8 5.97 18.71 -0.13
C LEU A 8 6.10 20.26 0.07
N ASP A 9 7.16 20.78 0.72
CA ASP A 9 7.55 22.23 0.65
C ASP A 9 7.98 22.68 -0.79
N LYS A 10 8.91 21.96 -1.45
CA LYS A 10 9.34 22.23 -2.85
C LYS A 10 8.20 22.00 -3.89
N LEU A 11 7.66 20.77 -4.00
CA LEU A 11 6.39 20.50 -4.73
C LEU A 11 5.16 20.74 -3.79
N LYS A 12 4.81 22.02 -3.56
CA LYS A 12 3.57 22.43 -2.84
C LYS A 12 2.28 22.50 -3.73
N GLU A 13 2.40 23.05 -4.95
CA GLU A 13 1.30 23.09 -5.95
C GLU A 13 1.07 21.74 -6.70
N PHE A 14 2.15 21.12 -7.24
CA PHE A 14 2.11 19.72 -7.76
C PHE A 14 1.81 18.65 -6.67
N GLY A 15 2.44 18.72 -5.47
CA GLY A 15 2.14 17.80 -4.34
C GLY A 15 0.68 17.76 -3.84
N ASN A 16 0.06 18.93 -3.59
CA ASN A 16 -1.41 19.05 -3.33
C ASN A 16 -2.37 18.42 -4.40
N THR A 17 -2.02 18.50 -5.72
CA THR A 17 -2.80 17.87 -6.81
C THR A 17 -2.88 16.31 -6.69
N LEU A 18 -1.74 15.58 -6.70
CA LEU A 18 -1.75 14.09 -6.49
C LEU A 18 -1.88 13.52 -5.04
N GLU A 19 -1.98 14.40 -4.03
CA GLU A 19 -2.54 14.07 -2.69
C GLU A 19 -4.10 13.92 -2.71
N ASP A 20 -4.84 14.87 -3.32
CA ASP A 20 -6.30 14.69 -3.62
C ASP A 20 -6.62 13.48 -4.56
N LYS A 21 -5.85 13.24 -5.65
CA LYS A 21 -5.97 12.00 -6.47
C LYS A 21 -5.69 10.66 -5.73
N ALA A 22 -4.76 10.61 -4.74
CA ALA A 22 -4.59 9.43 -3.87
C ALA A 22 -5.74 9.17 -2.85
N ARG A 23 -6.25 10.20 -2.13
CA ARG A 23 -7.50 10.08 -1.33
C ARG A 23 -8.75 10.31 -2.24
N GLU A 24 -9.07 9.28 -3.03
CA GLU A 24 -9.96 9.34 -4.23
C GLU A 24 -9.80 7.97 -4.96
N LEU A 25 -8.59 7.63 -5.45
CA LEU A 25 -8.28 6.32 -6.10
C LEU A 25 -8.15 5.16 -5.06
N ILE A 26 -7.40 5.34 -3.95
CA ILE A 26 -7.30 4.34 -2.84
C ILE A 26 -8.63 4.23 -2.01
N SER A 27 -9.38 5.33 -1.79
CA SER A 27 -10.74 5.29 -1.17
C SER A 27 -11.80 4.83 -2.21
N ARG A 28 -11.94 3.49 -2.32
CA ARG A 28 -12.61 2.73 -3.41
C ARG A 28 -11.81 1.42 -3.72
N ILE A 29 -10.48 1.51 -4.01
CA ILE A 29 -9.60 0.33 -4.24
C ILE A 29 -9.27 -0.31 -2.86
N LYS A 30 -8.30 0.23 -2.09
CA LYS A 30 -7.88 -0.29 -0.76
C LYS A 30 -7.39 -1.77 -0.80
N GLN A 31 -6.23 -1.97 -1.47
CA GLN A 31 -5.70 -3.31 -1.84
C GLN A 31 -6.68 -4.21 -2.67
N SER A 32 -7.14 -3.71 -3.84
CA SER A 32 -8.02 -4.48 -4.77
C SER A 32 -7.28 -4.65 -6.11
N GLU A 33 -7.54 -3.82 -7.14
CA GLU A 33 -6.62 -3.66 -8.30
C GLU A 33 -5.26 -2.91 -8.06
N LEU A 34 -4.97 -2.45 -6.81
CA LEU A 34 -3.59 -2.14 -6.36
C LEU A 34 -2.81 -3.45 -6.02
N SER A 35 -3.45 -4.37 -5.25
CA SER A 35 -2.89 -5.70 -4.94
C SER A 35 -3.28 -6.72 -6.05
N ALA A 36 -4.17 -7.71 -5.79
CA ALA A 36 -4.48 -8.84 -6.73
C ALA A 36 -3.31 -9.87 -6.86
N LYS A 37 -2.19 -9.45 -7.49
CA LYS A 37 -0.89 -10.17 -7.41
C LYS A 37 -0.20 -10.14 -6.01
N MET A 38 -0.28 -9.01 -5.26
CA MET A 38 0.15 -8.96 -3.83
C MET A 38 -0.73 -9.81 -2.87
N ARG A 39 -2.08 -9.81 -2.96
CA ARG A 39 -2.95 -10.69 -2.13
C ARG A 39 -2.85 -12.22 -2.43
N GLU A 40 -2.66 -12.63 -3.71
CA GLU A 40 -2.20 -14.01 -4.07
C GLU A 40 -0.80 -14.40 -3.46
N TRP A 41 0.21 -13.52 -3.58
CA TRP A 41 1.53 -13.68 -2.91
C TRP A 41 1.51 -13.74 -1.34
N PHE A 42 0.68 -12.93 -0.65
CA PHE A 42 0.54 -13.01 0.85
C PHE A 42 -0.11 -14.35 1.33
N SER A 43 -1.12 -14.86 0.61
CA SER A 43 -1.68 -16.22 0.82
C SER A 43 -0.89 -17.30 -0.01
N GLU A 44 0.35 -17.53 0.41
CA GLU A 44 1.41 -18.26 -0.35
C GLU A 44 2.71 -18.17 0.51
N THR A 45 3.24 -16.94 0.73
CA THR A 45 4.41 -16.68 1.61
C THR A 45 4.12 -16.99 3.12
N PHE A 46 3.05 -16.40 3.70
CA PHE A 46 2.54 -16.79 5.04
C PHE A 46 2.03 -18.27 5.16
N GLN A 47 1.32 -18.80 4.15
CA GLN A 47 0.87 -20.23 4.12
C GLN A 47 2.02 -21.30 4.15
N LYS A 48 3.16 -21.06 3.48
CA LYS A 48 4.42 -21.85 3.66
C LYS A 48 4.98 -21.89 5.11
N VAL A 49 4.98 -20.76 5.86
CA VAL A 49 5.31 -20.72 7.31
C VAL A 49 4.25 -21.50 8.18
N LYS A 50 2.94 -21.23 8.00
CA LYS A 50 1.85 -21.78 8.85
C LYS A 50 1.71 -23.33 8.85
N GLU A 51 1.67 -23.96 7.65
CA GLU A 51 1.75 -25.44 7.48
C GLU A 51 2.96 -26.18 8.15
N LYS A 52 4.12 -25.50 8.30
CA LYS A 52 5.33 -26.06 8.96
C LYS A 52 5.29 -25.82 10.50
N LEU A 53 5.15 -24.55 10.95
CA LEU A 53 5.35 -24.14 12.36
C LEU A 53 3.96 -23.93 13.03
N LYS A 54 3.69 -22.78 13.70
CA LYS A 54 2.46 -22.52 14.50
C LYS A 54 2.32 -23.57 15.67
N ILE A 55 1.29 -24.44 15.62
CA ILE A 55 1.22 -25.70 16.39
C ILE A 55 1.79 -26.85 15.49
N ASP A 56 1.09 -27.23 14.40
CA ASP A 56 1.58 -28.19 13.38
C ASP A 56 1.13 -27.64 11.99
N SER A 57 -0.09 -27.97 11.51
CA SER A 57 -0.64 -27.39 10.25
C SER A 57 -1.36 -26.05 10.53
N THR A 1 -4.10 8.10 -0.10
CA THR A 1 -3.45 7.06 0.72
C THR A 1 -2.45 7.81 1.65
N PRO A 2 -2.58 7.87 3.01
CA PRO A 2 -1.70 8.73 3.86
C PRO A 2 -0.30 8.09 4.11
N ASP A 3 0.68 8.52 3.30
CA ASP A 3 2.06 7.97 3.31
C ASP A 3 3.01 8.97 4.01
N VAL A 4 3.76 8.46 5.00
CA VAL A 4 4.70 9.27 5.81
C VAL A 4 6.08 8.55 5.81
N SER A 5 6.62 8.19 6.99
CA SER A 5 8.08 7.95 7.21
C SER A 5 8.99 9.13 6.73
N SER A 6 8.71 10.34 7.25
CA SER A 6 9.19 11.63 6.67
C SER A 6 8.90 11.83 5.14
N ALA A 7 7.61 11.87 4.77
CA ALA A 7 7.14 12.23 3.40
C ALA A 7 6.02 13.30 3.50
N LEU A 8 4.92 13.02 4.23
CA LEU A 8 3.98 14.07 4.73
C LEU A 8 4.59 15.13 5.71
N ASP A 9 5.61 14.78 6.51
CA ASP A 9 6.36 15.77 7.35
C ASP A 9 7.14 16.84 6.52
N LYS A 10 8.03 16.43 5.60
CA LYS A 10 8.83 17.36 4.76
C LYS A 10 8.05 18.09 3.62
N LEU A 11 7.22 17.37 2.84
CA LEU A 11 6.42 17.93 1.72
C LEU A 11 5.16 18.71 2.23
N LYS A 12 4.29 18.06 3.05
CA LYS A 12 3.21 18.71 3.84
C LYS A 12 2.00 19.27 3.04
N GLU A 13 2.15 20.41 2.37
CA GLU A 13 1.16 20.92 1.38
C GLU A 13 1.23 20.21 -0.02
N PHE A 14 2.44 19.98 -0.56
CA PHE A 14 2.66 19.05 -1.70
C PHE A 14 2.44 17.54 -1.36
N GLY A 15 2.78 17.10 -0.12
CA GLY A 15 2.48 15.72 0.35
C GLY A 15 0.99 15.36 0.45
N ASN A 16 0.19 16.16 1.19
CA ASN A 16 -1.28 15.94 1.35
C ASN A 16 -2.15 15.97 0.05
N THR A 17 -1.86 16.88 -0.92
CA THR A 17 -2.62 16.97 -2.20
C THR A 17 -2.54 15.70 -3.12
N LEU A 18 -1.32 15.15 -3.35
CA LEU A 18 -1.16 13.73 -3.82
C LEU A 18 -0.82 12.70 -2.68
N GLU A 19 -1.56 12.81 -1.58
CA GLU A 19 -2.11 11.64 -0.84
C GLU A 19 -3.67 11.72 -0.87
N ASP A 20 -4.25 11.88 -2.08
CA ASP A 20 -5.68 12.19 -2.32
C ASP A 20 -5.98 12.06 -3.84
N LYS A 21 -5.25 12.77 -4.74
CA LYS A 21 -5.07 12.30 -6.14
C LYS A 21 -4.28 10.95 -6.26
N ALA A 22 -3.21 10.73 -5.46
CA ALA A 22 -2.66 9.36 -5.21
C ALA A 22 -3.38 8.57 -4.06
N ARG A 23 -4.70 8.42 -4.23
CA ARG A 23 -5.59 7.51 -3.47
C ARG A 23 -6.29 6.55 -4.48
N GLU A 24 -7.08 7.07 -5.45
CA GLU A 24 -7.60 6.31 -6.61
C GLU A 24 -6.52 5.72 -7.58
N LEU A 25 -5.35 6.37 -7.79
CA LEU A 25 -4.19 5.74 -8.50
C LEU A 25 -3.59 4.50 -7.76
N ILE A 26 -3.37 4.56 -6.43
CA ILE A 26 -2.92 3.39 -5.61
C ILE A 26 -3.95 2.22 -5.58
N SER A 27 -5.27 2.50 -5.46
CA SER A 27 -6.35 1.48 -5.61
C SER A 27 -6.36 0.69 -6.96
N ARG A 28 -6.18 1.36 -8.12
CA ARG A 28 -6.02 0.69 -9.44
C ARG A 28 -4.59 0.13 -9.77
N ILE A 29 -3.54 0.40 -8.97
CA ILE A 29 -2.16 -0.12 -9.19
C ILE A 29 -1.90 -1.32 -8.23
N LYS A 30 -1.79 -1.04 -6.92
CA LYS A 30 -1.67 -2.11 -5.87
C LYS A 30 -2.88 -3.09 -5.68
N GLN A 31 -4.03 -2.77 -6.29
CA GLN A 31 -5.08 -3.76 -6.62
C GLN A 31 -5.55 -3.50 -8.09
N SER A 32 -4.70 -3.82 -9.08
CA SER A 32 -5.06 -3.73 -10.53
C SER A 32 -5.98 -4.90 -10.98
N GLU A 33 -6.85 -4.63 -11.97
CA GLU A 33 -7.62 -5.68 -12.68
C GLU A 33 -6.87 -6.49 -13.81
N LEU A 34 -5.52 -6.47 -13.82
CA LEU A 34 -4.69 -7.60 -14.32
C LEU A 34 -4.69 -8.71 -13.22
N SER A 35 -4.20 -8.37 -12.02
CA SER A 35 -4.06 -9.30 -10.88
C SER A 35 -5.20 -9.06 -9.87
N ALA A 36 -6.26 -9.84 -10.07
CA ALA A 36 -7.30 -10.08 -9.03
C ALA A 36 -7.11 -11.44 -8.29
N LYS A 37 -6.70 -12.51 -9.01
CA LYS A 37 -6.28 -13.81 -8.41
C LYS A 37 -4.82 -13.79 -7.86
N MET A 38 -3.84 -13.18 -8.57
CA MET A 38 -2.51 -12.86 -8.05
C MET A 38 -2.45 -11.80 -6.89
N ARG A 39 -3.41 -10.87 -6.71
CA ARG A 39 -3.55 -10.11 -5.43
C ARG A 39 -4.16 -10.90 -4.24
N GLU A 40 -5.12 -11.83 -4.47
CA GLU A 40 -5.50 -12.87 -3.46
C GLU A 40 -4.31 -13.80 -3.01
N TRP A 41 -3.46 -14.26 -3.96
CA TRP A 41 -2.17 -14.95 -3.67
C TRP A 41 -1.10 -14.07 -2.93
N PHE A 42 -0.92 -12.76 -3.25
CA PHE A 42 0.00 -11.87 -2.48
C PHE A 42 -0.38 -11.68 -0.98
N SER A 43 -1.70 -11.64 -0.67
CA SER A 43 -2.22 -11.71 0.73
C SER A 43 -1.98 -13.08 1.42
N GLU A 44 -2.29 -14.22 0.77
CA GLU A 44 -2.01 -15.59 1.28
C GLU A 44 -0.51 -15.96 1.49
N THR A 45 0.40 -15.56 0.57
CA THR A 45 1.88 -15.71 0.73
C THR A 45 2.48 -14.82 1.87
N PHE A 46 2.06 -13.54 2.01
CA PHE A 46 2.36 -12.70 3.21
C PHE A 46 1.91 -13.30 4.58
N GLN A 47 0.66 -13.79 4.69
CA GLN A 47 0.16 -14.54 5.88
C GLN A 47 0.88 -15.89 6.19
N LYS A 48 1.33 -16.65 5.17
CA LYS A 48 2.19 -17.86 5.34
C LYS A 48 3.55 -17.61 6.07
N VAL A 49 4.31 -16.57 5.68
CA VAL A 49 5.55 -16.13 6.41
C VAL A 49 5.22 -15.52 7.81
N LYS A 50 4.30 -14.53 7.89
CA LYS A 50 4.00 -13.78 9.13
C LYS A 50 3.43 -14.63 10.30
N GLU A 51 2.37 -15.42 10.06
CA GLU A 51 1.82 -16.38 11.07
C GLU A 51 2.72 -17.58 11.49
N LYS A 52 3.86 -17.85 10.81
CA LYS A 52 4.95 -18.72 11.36
C LYS A 52 5.98 -17.88 12.18
N LEU A 53 6.61 -16.85 11.57
CA LEU A 53 7.82 -16.20 12.10
C LEU A 53 7.50 -14.85 12.82
N LYS A 54 7.08 -13.79 12.10
CA LYS A 54 6.91 -12.42 12.66
C LYS A 54 5.47 -12.27 13.23
N ILE A 55 5.33 -12.45 14.57
CA ILE A 55 4.02 -12.46 15.29
C ILE A 55 3.20 -13.71 14.83
N ASP A 56 3.38 -14.85 15.52
CA ASP A 56 2.76 -16.15 15.11
C ASP A 56 1.21 -16.22 15.26
N SER A 57 0.65 -16.02 16.47
CA SER A 57 -0.82 -15.95 16.72
C SER A 57 -1.53 -17.30 16.48
N THR A 1 9.59 12.46 3.41
CA THR A 1 9.26 12.94 4.78
C THR A 1 7.86 12.40 5.24
N PRO A 2 7.70 11.13 5.72
CA PRO A 2 6.39 10.61 6.20
C PRO A 2 6.19 10.95 7.71
N ASP A 3 5.68 12.17 7.99
CA ASP A 3 5.72 12.79 9.33
C ASP A 3 4.45 13.65 9.52
N VAL A 4 3.77 13.45 10.67
CA VAL A 4 2.55 14.21 11.04
C VAL A 4 2.92 15.34 12.07
N SER A 5 1.99 15.68 12.98
CA SER A 5 1.94 17.00 13.69
C SER A 5 1.99 18.27 12.76
N SER A 6 1.31 18.19 11.60
CA SER A 6 1.50 19.08 10.43
C SER A 6 0.38 18.75 9.40
N ALA A 7 0.42 17.56 8.74
CA ALA A 7 -0.54 17.14 7.67
C ALA A 7 -0.32 17.77 6.26
N LEU A 8 0.14 19.02 6.20
CA LEU A 8 0.44 19.76 4.95
C LEU A 8 1.77 20.56 5.01
N ASP A 9 2.24 21.02 6.20
CA ASP A 9 3.60 21.62 6.38
C ASP A 9 4.77 20.61 6.12
N LYS A 10 4.73 19.41 6.75
CA LYS A 10 5.57 18.25 6.33
C LYS A 10 5.16 17.66 4.95
N LEU A 11 3.85 17.34 4.72
CA LEU A 11 3.38 16.73 3.45
C LEU A 11 2.86 17.79 2.45
N LYS A 12 3.78 18.65 1.97
CA LYS A 12 3.63 19.44 0.71
C LYS A 12 4.40 18.78 -0.49
N GLU A 13 5.70 18.45 -0.36
CA GLU A 13 6.45 17.64 -1.36
C GLU A 13 6.13 16.11 -1.27
N PHE A 14 6.19 15.50 -0.06
CA PHE A 14 5.76 14.09 0.15
C PHE A 14 4.21 13.84 0.08
N GLY A 15 3.34 14.85 0.33
CA GLY A 15 1.90 14.79 -0.02
C GLY A 15 1.60 14.59 -1.53
N ASN A 16 2.20 15.43 -2.40
CA ASN A 16 2.24 15.20 -3.88
C ASN A 16 2.88 13.84 -4.35
N THR A 17 3.91 13.31 -3.66
CA THR A 17 4.46 11.95 -3.90
C THR A 17 3.42 10.81 -3.67
N LEU A 18 2.78 10.74 -2.48
CA LEU A 18 1.67 9.76 -2.22
C LEU A 18 0.27 9.98 -2.91
N GLU A 19 0.09 11.11 -3.60
CA GLU A 19 -1.01 11.33 -4.58
C GLU A 19 -0.78 10.56 -5.92
N ASP A 20 0.41 10.66 -6.55
CA ASP A 20 0.81 9.79 -7.70
C ASP A 20 0.94 8.26 -7.38
N LYS A 21 1.45 7.87 -6.20
CA LYS A 21 1.47 6.44 -5.74
C LYS A 21 0.05 5.80 -5.60
N ALA A 22 -0.90 6.46 -4.91
CA ALA A 22 -2.33 6.03 -4.88
C ALA A 22 -3.09 6.05 -6.26
N ARG A 23 -2.82 7.01 -7.15
CA ARG A 23 -3.31 6.98 -8.56
C ARG A 23 -2.85 5.74 -9.38
N GLU A 24 -1.54 5.38 -9.33
CA GLU A 24 -1.01 4.12 -9.92
C GLU A 24 -1.56 2.80 -9.26
N LEU A 25 -1.65 2.71 -7.92
CA LEU A 25 -2.14 1.48 -7.22
C LEU A 25 -3.68 1.22 -7.34
N ILE A 26 -4.55 2.26 -7.34
CA ILE A 26 -6.02 2.12 -7.60
C ILE A 26 -6.31 1.75 -9.10
N SER A 27 -5.72 2.46 -10.09
CA SER A 27 -5.74 2.04 -11.53
C SER A 27 -5.14 0.64 -11.88
N ARG A 28 -4.19 0.12 -11.08
CA ARG A 28 -3.69 -1.29 -11.19
C ARG A 28 -4.65 -2.34 -10.53
N ILE A 29 -5.23 -2.04 -9.35
CA ILE A 29 -6.23 -2.90 -8.64
C ILE A 29 -7.57 -2.94 -9.46
N LYS A 30 -8.45 -1.93 -9.31
CA LYS A 30 -9.86 -1.96 -9.80
C LYS A 30 -10.66 -3.27 -9.46
N GLN A 31 -10.73 -3.60 -8.16
CA GLN A 31 -11.18 -4.92 -7.64
C GLN A 31 -10.40 -6.12 -8.25
N SER A 32 -9.14 -6.33 -7.80
CA SER A 32 -8.28 -7.49 -8.19
C SER A 32 -7.75 -7.44 -9.67
N GLU A 33 -6.60 -8.10 -9.87
CA GLU A 33 -5.80 -8.17 -11.13
C GLU A 33 -4.30 -7.78 -10.93
N LEU A 34 -4.03 -6.74 -10.14
CA LEU A 34 -2.73 -6.60 -9.41
C LEU A 34 -2.63 -7.57 -8.20
N SER A 35 -3.74 -7.79 -7.46
CA SER A 35 -3.82 -8.84 -6.42
C SER A 35 -4.09 -10.21 -7.09
N ALA A 36 -5.30 -10.83 -6.93
CA ALA A 36 -5.63 -12.21 -7.44
C ALA A 36 -4.92 -13.35 -6.66
N LYS A 37 -3.58 -13.44 -6.76
CA LYS A 37 -2.74 -14.19 -5.78
C LYS A 37 -2.67 -13.54 -4.36
N MET A 38 -2.60 -12.19 -4.24
CA MET A 38 -2.76 -11.48 -2.94
C MET A 38 -4.19 -11.50 -2.30
N ARG A 39 -5.22 -12.15 -2.90
CA ARG A 39 -6.56 -12.34 -2.26
C ARG A 39 -6.96 -13.85 -2.16
N GLU A 40 -7.13 -14.56 -3.29
CA GLU A 40 -7.60 -15.98 -3.31
C GLU A 40 -6.55 -16.99 -2.75
N TRP A 41 -5.33 -17.04 -3.30
CA TRP A 41 -4.17 -17.75 -2.69
C TRP A 41 -3.70 -17.19 -1.31
N PHE A 42 -3.81 -15.87 -1.02
CA PHE A 42 -3.55 -15.31 0.34
C PHE A 42 -4.45 -15.92 1.46
N SER A 43 -5.73 -16.21 1.16
CA SER A 43 -6.63 -17.00 2.07
C SER A 43 -6.43 -18.54 1.88
N GLU A 44 -5.27 -19.02 2.37
CA GLU A 44 -4.73 -20.40 2.16
C GLU A 44 -3.29 -20.35 2.76
N THR A 45 -2.36 -19.61 2.10
CA THR A 45 -1.03 -19.26 2.67
C THR A 45 -1.13 -17.85 3.36
N PHE A 46 -1.85 -17.83 4.49
CA PHE A 46 -2.26 -16.59 5.18
C PHE A 46 -1.23 -16.12 6.24
N GLN A 47 -0.99 -16.91 7.31
CA GLN A 47 0.07 -16.60 8.32
C GLN A 47 1.54 -16.71 7.82
N LYS A 48 1.85 -17.62 6.88
CA LYS A 48 3.19 -17.75 6.24
C LYS A 48 3.63 -16.49 5.40
N VAL A 49 2.75 -15.92 4.56
CA VAL A 49 2.97 -14.57 3.93
C VAL A 49 3.03 -13.41 4.96
N LYS A 50 2.08 -13.34 5.92
CA LYS A 50 1.92 -12.19 6.82
C LYS A 50 3.09 -11.95 7.84
N GLU A 51 3.67 -13.02 8.42
CA GLU A 51 4.99 -12.95 9.10
C GLU A 51 6.24 -12.63 8.20
N LYS A 52 6.21 -12.95 6.89
CA LYS A 52 7.32 -12.70 5.93
C LYS A 52 7.48 -11.19 5.59
N LEU A 53 6.48 -10.54 4.95
CA LEU A 53 6.45 -9.06 4.78
C LEU A 53 5.64 -8.45 5.97
N LYS A 54 6.17 -7.49 6.76
CA LYS A 54 5.57 -7.05 8.06
C LYS A 54 5.36 -8.20 9.11
N ILE A 55 4.69 -7.91 10.25
CA ILE A 55 4.41 -8.91 11.32
C ILE A 55 2.87 -9.10 11.36
N ASP A 56 2.11 -8.18 11.98
CA ASP A 56 0.64 -8.31 12.17
C ASP A 56 -0.13 -7.74 10.93
N SER A 57 -0.32 -6.40 10.84
CA SER A 57 -1.07 -5.76 9.73
C SER A 57 -0.36 -4.44 9.38
N THR A 1 2.69 16.35 -4.06
CA THR A 1 4.12 16.00 -3.92
C THR A 1 4.28 15.08 -2.65
N PRO A 2 4.20 13.70 -2.74
CA PRO A 2 4.57 12.80 -1.61
C PRO A 2 6.12 12.67 -1.43
N ASP A 3 6.71 13.67 -0.75
CA ASP A 3 8.18 13.90 -0.70
C ASP A 3 8.45 15.19 0.12
N VAL A 4 9.59 15.19 0.84
CA VAL A 4 10.05 16.38 1.63
C VAL A 4 11.39 16.90 1.01
N SER A 5 12.43 17.11 1.83
CA SER A 5 13.57 18.04 1.53
C SER A 5 13.11 19.50 1.17
N SER A 6 12.33 20.11 2.09
CA SER A 6 11.54 21.34 1.82
C SER A 6 10.56 21.25 0.59
N ALA A 7 9.60 20.31 0.66
CA ALA A 7 8.52 20.14 -0.36
C ALA A 7 7.15 19.87 0.30
N LEU A 8 7.05 18.98 1.32
CA LEU A 8 5.97 19.05 2.34
C LEU A 8 5.94 20.34 3.24
N ASP A 9 7.07 21.07 3.40
CA ASP A 9 7.06 22.47 3.92
C ASP A 9 6.40 23.50 2.94
N LYS A 10 6.83 23.55 1.67
CA LYS A 10 6.39 24.57 0.68
C LYS A 10 4.96 24.32 0.11
N LEU A 11 4.69 23.12 -0.44
CA LEU A 11 3.35 22.72 -0.93
C LEU A 11 2.33 22.50 0.22
N LYS A 12 2.64 21.65 1.23
CA LYS A 12 1.92 21.54 2.52
C LYS A 12 0.48 20.94 2.45
N GLU A 13 -0.51 21.74 2.00
CA GLU A 13 -1.87 21.23 1.63
C GLU A 13 -1.88 20.38 0.32
N PHE A 14 -1.27 20.85 -0.78
CA PHE A 14 -1.00 20.02 -2.00
C PHE A 14 -0.04 18.81 -1.76
N GLY A 15 1.05 18.99 -0.98
CA GLY A 15 1.92 17.85 -0.54
C GLY A 15 1.22 16.70 0.23
N ASN A 16 0.42 17.04 1.26
CA ASN A 16 -0.38 16.05 2.03
C ASN A 16 -1.58 15.38 1.28
N THR A 17 -2.26 16.05 0.31
CA THR A 17 -3.49 15.51 -0.35
C THR A 17 -3.19 14.23 -1.20
N LEU A 18 -2.41 14.31 -2.31
CA LEU A 18 -1.98 13.10 -3.07
C LEU A 18 -0.92 12.14 -2.44
N GLU A 19 -0.44 12.46 -1.24
CA GLU A 19 0.27 11.52 -0.33
C GLU A 19 -0.72 10.55 0.38
N ASP A 20 -1.71 11.08 1.13
CA ASP A 20 -2.82 10.27 1.72
C ASP A 20 -3.78 9.59 0.68
N LYS A 21 -4.07 10.23 -0.47
CA LYS A 21 -4.83 9.61 -1.60
C LYS A 21 -4.15 8.35 -2.21
N ALA A 22 -2.85 8.42 -2.58
CA ALA A 22 -2.05 7.24 -3.02
C ALA A 22 -1.87 6.11 -1.97
N ARG A 23 -1.67 6.43 -0.67
CA ARG A 23 -1.70 5.43 0.44
C ARG A 23 -3.07 4.70 0.58
N GLU A 24 -4.20 5.44 0.65
CA GLU A 24 -5.57 4.85 0.59
C GLU A 24 -5.89 3.95 -0.65
N LEU A 25 -5.37 4.26 -1.86
CA LEU A 25 -5.51 3.38 -3.05
C LEU A 25 -4.67 2.08 -2.93
N ILE A 26 -3.32 2.15 -2.91
CA ILE A 26 -2.42 0.94 -2.96
C ILE A 26 -2.49 0.04 -1.67
N SER A 27 -2.56 0.59 -0.44
CA SER A 27 -2.80 -0.21 0.80
C SER A 27 -4.13 -1.03 0.83
N ARG A 28 -5.25 -0.47 0.32
CA ARG A 28 -6.51 -1.21 0.06
C ARG A 28 -6.44 -2.23 -1.13
N ILE A 29 -5.77 -1.85 -2.25
CA ILE A 29 -5.62 -2.68 -3.47
C ILE A 29 -4.50 -3.73 -3.20
N LYS A 30 -3.24 -3.43 -3.56
CA LYS A 30 -2.10 -4.41 -3.55
C LYS A 30 -2.24 -5.75 -4.36
N GLN A 31 -3.35 -5.94 -5.10
CA GLN A 31 -3.84 -7.26 -5.59
C GLN A 31 -4.86 -7.19 -6.78
N SER A 32 -5.37 -6.00 -7.20
CA SER A 32 -6.56 -5.91 -8.08
C SER A 32 -6.52 -4.64 -8.96
N GLU A 33 -6.13 -4.80 -10.25
CA GLU A 33 -6.04 -3.68 -11.24
C GLU A 33 -4.90 -2.61 -11.02
N LEU A 34 -4.18 -2.63 -9.88
CA LEU A 34 -2.72 -2.36 -9.84
C LEU A 34 -1.99 -3.59 -10.50
N SER A 35 -2.31 -4.81 -10.02
CA SER A 35 -1.61 -6.04 -10.34
C SER A 35 -2.57 -7.20 -10.01
N ALA A 36 -3.14 -7.84 -11.05
CA ALA A 36 -4.08 -8.97 -10.88
C ALA A 36 -3.43 -10.37 -10.67
N LYS A 37 -2.27 -10.69 -11.29
CA LYS A 37 -1.48 -11.91 -10.97
C LYS A 37 -0.77 -11.91 -9.57
N MET A 38 -0.46 -10.75 -8.96
CA MET A 38 -0.13 -10.62 -7.53
C MET A 38 -1.25 -11.06 -6.52
N ARG A 39 -2.54 -11.17 -6.91
CA ARG A 39 -3.61 -11.82 -6.10
C ARG A 39 -3.34 -13.32 -5.75
N GLU A 40 -3.06 -14.17 -6.75
CA GLU A 40 -2.58 -15.57 -6.54
C GLU A 40 -1.22 -15.72 -5.77
N TRP A 41 -0.24 -14.83 -5.99
CA TRP A 41 0.99 -14.74 -5.15
C TRP A 41 0.73 -14.44 -3.63
N PHE A 42 -0.17 -13.50 -3.26
CA PHE A 42 -0.54 -13.26 -1.82
C PHE A 42 -1.24 -14.46 -1.13
N SER A 43 -2.08 -15.22 -1.86
CA SER A 43 -2.61 -16.54 -1.40
C SER A 43 -1.51 -17.65 -1.23
N GLU A 44 -0.59 -17.80 -2.19
CA GLU A 44 0.58 -18.72 -2.09
C GLU A 44 1.57 -18.41 -0.93
N THR A 45 1.97 -17.13 -0.75
CA THR A 45 2.98 -16.70 0.26
C THR A 45 2.41 -16.71 1.72
N PHE A 46 1.32 -15.98 2.01
CA PHE A 46 0.75 -15.87 3.39
C PHE A 46 0.20 -17.20 3.99
N GLN A 47 -0.56 -18.01 3.23
CA GLN A 47 -0.99 -19.38 3.67
C GLN A 47 0.18 -20.40 3.93
N LYS A 48 1.30 -20.33 3.19
CA LYS A 48 2.55 -21.08 3.53
C LYS A 48 3.19 -20.71 4.91
N VAL A 49 3.26 -19.41 5.29
CA VAL A 49 3.60 -18.98 6.69
C VAL A 49 2.55 -19.49 7.74
N LYS A 50 1.24 -19.39 7.46
CA LYS A 50 0.16 -19.82 8.39
C LYS A 50 0.16 -21.33 8.77
N GLU A 51 0.43 -22.25 7.82
CA GLU A 51 0.72 -23.69 8.11
C GLU A 51 1.83 -23.97 9.19
N LYS A 52 2.88 -23.13 9.26
CA LYS A 52 3.94 -23.21 10.30
C LYS A 52 3.55 -22.44 11.60
N LEU A 53 3.35 -21.10 11.52
CA LEU A 53 3.14 -20.20 12.68
C LEU A 53 1.65 -20.03 13.08
N LYS A 54 0.75 -19.67 12.12
CA LYS A 54 -0.69 -19.35 12.33
C LYS A 54 -0.86 -17.83 12.60
N ILE A 55 -1.21 -17.08 11.54
CA ILE A 55 -1.43 -15.62 11.59
C ILE A 55 -2.84 -15.42 10.93
N ASP A 56 -3.85 -15.08 11.76
CA ASP A 56 -5.25 -14.89 11.28
C ASP A 56 -5.42 -13.67 10.31
N SER A 57 -5.18 -12.42 10.79
CA SER A 57 -5.31 -11.20 9.95
C SER A 57 -4.02 -10.95 9.14
N THR A 1 14.09 35.52 -5.00
CA THR A 1 12.69 35.95 -5.26
C THR A 1 12.36 37.30 -4.51
N PRO A 2 11.54 38.26 -5.03
CA PRO A 2 11.19 39.51 -4.29
C PRO A 2 10.08 39.24 -3.24
N ASP A 3 10.47 39.17 -1.95
CA ASP A 3 9.61 38.72 -0.82
C ASP A 3 9.33 37.19 -0.89
N VAL A 4 8.23 36.79 -1.54
CA VAL A 4 7.86 35.36 -1.71
C VAL A 4 7.48 35.07 -3.20
N SER A 5 6.43 35.75 -3.71
CA SER A 5 5.87 35.54 -5.08
C SER A 5 5.48 34.06 -5.41
N SER A 6 4.67 33.43 -4.51
CA SER A 6 4.41 31.97 -4.50
C SER A 6 5.68 31.06 -4.52
N ALA A 7 6.52 31.15 -3.47
CA ALA A 7 7.66 30.24 -3.23
C ALA A 7 7.30 29.19 -2.14
N LEU A 8 7.01 29.64 -0.89
CA LEU A 8 6.43 28.79 0.17
C LEU A 8 4.94 28.33 -0.04
N ASP A 9 4.11 29.10 -0.78
CA ASP A 9 2.71 28.68 -1.12
C ASP A 9 2.63 27.41 -2.02
N LYS A 10 3.35 27.35 -3.16
CA LYS A 10 3.48 26.10 -3.98
C LYS A 10 4.13 24.86 -3.27
N LEU A 11 5.04 25.05 -2.29
CA LEU A 11 5.63 23.94 -1.49
C LEU A 11 4.66 23.31 -0.44
N LYS A 12 3.87 24.11 0.31
CA LYS A 12 2.77 23.57 1.18
C LYS A 12 1.54 22.95 0.45
N GLU A 13 1.18 23.42 -0.77
CA GLU A 13 0.10 22.79 -1.59
C GLU A 13 0.57 21.50 -2.32
N PHE A 14 1.74 21.52 -3.01
CA PHE A 14 2.44 20.27 -3.44
C PHE A 14 3.32 19.74 -2.26
N GLY A 15 2.65 19.08 -1.31
CA GLY A 15 3.21 18.74 0.02
C GLY A 15 2.11 18.14 0.90
N ASN A 16 1.10 18.96 1.26
CA ASN A 16 -0.20 18.50 1.82
C ASN A 16 -1.02 17.51 0.91
N THR A 17 -1.05 17.72 -0.42
CA THR A 17 -1.69 16.77 -1.40
C THR A 17 -1.02 15.35 -1.35
N LEU A 18 0.31 15.25 -1.63
CA LEU A 18 1.07 13.99 -1.41
C LEU A 18 1.55 13.69 0.05
N GLU A 19 0.77 14.09 1.06
CA GLU A 19 0.79 13.52 2.43
C GLU A 19 -0.25 12.36 2.51
N ASP A 20 -1.56 12.66 2.38
CA ASP A 20 -2.63 11.63 2.25
C ASP A 20 -2.59 10.82 0.92
N LYS A 21 -2.31 11.44 -0.24
CA LYS A 21 -2.12 10.71 -1.54
C LYS A 21 -0.89 9.74 -1.58
N ALA A 22 0.26 10.06 -0.95
CA ALA A 22 1.36 9.08 -0.72
C ALA A 22 0.97 7.86 0.18
N ARG A 23 0.27 8.08 1.30
CA ARG A 23 -0.41 7.01 2.09
C ARG A 23 -1.43 6.10 1.32
N GLU A 24 -2.15 6.60 0.30
CA GLU A 24 -2.93 5.76 -0.65
C GLU A 24 -2.06 4.77 -1.51
N LEU A 25 -0.86 5.17 -1.98
CA LEU A 25 0.13 4.23 -2.58
C LEU A 25 0.76 3.21 -1.58
N ILE A 26 0.97 3.54 -0.28
CA ILE A 26 1.41 2.55 0.77
C ILE A 26 0.34 1.44 1.03
N SER A 27 -0.94 1.79 1.27
CA SER A 27 -2.07 0.82 1.35
C SER A 27 -2.30 -0.08 0.09
N ARG A 28 -2.23 0.49 -1.14
CA ARG A 28 -2.17 -0.27 -2.42
C ARG A 28 -0.99 -1.29 -2.55
N ILE A 29 0.24 -0.92 -2.12
CA ILE A 29 1.43 -1.83 -2.08
C ILE A 29 1.23 -3.06 -1.13
N LYS A 30 1.05 -2.80 0.17
CA LYS A 30 0.84 -3.86 1.20
C LYS A 30 -0.46 -4.74 1.15
N GLN A 31 -1.36 -4.43 0.21
CA GLN A 31 -2.59 -5.23 -0.09
C GLN A 31 -2.64 -5.87 -1.51
N SER A 32 -1.84 -5.39 -2.47
CA SER A 32 -1.81 -5.86 -3.88
C SER A 32 -0.36 -5.71 -4.41
N GLU A 33 0.16 -6.76 -5.08
CA GLU A 33 1.58 -6.86 -5.54
C GLU A 33 2.72 -7.09 -4.49
N LEU A 34 2.52 -6.73 -3.20
CA LEU A 34 3.08 -7.53 -2.07
C LEU A 34 2.29 -8.86 -1.89
N SER A 35 0.94 -8.81 -1.90
CA SER A 35 0.08 -9.99 -1.76
C SER A 35 0.05 -10.79 -3.10
N ALA A 36 -1.08 -10.86 -3.83
CA ALA A 36 -1.26 -11.77 -5.02
C ALA A 36 -1.27 -13.29 -4.68
N LYS A 37 -0.14 -13.83 -4.19
CA LYS A 37 -0.08 -15.13 -3.47
C LYS A 37 -0.78 -15.09 -2.07
N MET A 38 -0.64 -14.00 -1.27
CA MET A 38 -1.46 -13.79 -0.04
C MET A 38 -2.97 -13.39 -0.26
N ARG A 39 -3.51 -13.38 -1.50
CA ARG A 39 -4.87 -12.86 -1.80
C ARG A 39 -5.63 -13.83 -2.75
N GLU A 40 -5.25 -13.91 -4.04
CA GLU A 40 -5.89 -14.83 -5.04
C GLU A 40 -5.66 -16.34 -4.75
N TRP A 41 -4.39 -16.78 -4.59
CA TRP A 41 -4.05 -18.12 -4.02
C TRP A 41 -4.54 -18.36 -2.56
N PHE A 42 -4.55 -17.35 -1.65
CA PHE A 42 -5.04 -17.54 -0.24
C PHE A 42 -6.53 -17.97 -0.13
N SER A 43 -7.41 -17.33 -0.91
CA SER A 43 -8.83 -17.75 -1.06
C SER A 43 -9.07 -19.16 -1.72
N GLU A 44 -8.29 -19.51 -2.76
CA GLU A 44 -8.28 -20.87 -3.37
C GLU A 44 -7.80 -22.03 -2.44
N THR A 45 -6.70 -21.83 -1.68
CA THR A 45 -6.01 -22.91 -0.91
C THR A 45 -6.59 -23.07 0.53
N PHE A 46 -6.58 -22.02 1.38
CA PHE A 46 -6.82 -22.04 2.84
C PHE A 46 -7.99 -22.95 3.33
N GLN A 47 -7.54 -23.86 4.20
CA GLN A 47 -8.14 -25.22 4.45
C GLN A 47 -7.14 -26.33 4.00
N LYS A 48 -6.64 -26.31 2.76
CA LYS A 48 -5.41 -27.07 2.36
C LYS A 48 -4.08 -26.57 3.02
N VAL A 49 -3.91 -25.25 3.28
CA VAL A 49 -2.86 -24.73 4.23
C VAL A 49 -3.08 -25.19 5.70
N LYS A 50 -4.33 -25.32 6.20
CA LYS A 50 -4.58 -25.80 7.59
C LYS A 50 -4.23 -27.30 7.83
N GLU A 51 -4.55 -28.19 6.87
CA GLU A 51 -3.89 -29.53 6.74
C GLU A 51 -2.34 -29.48 6.60
N LYS A 52 -1.78 -28.52 5.82
CA LYS A 52 -0.32 -28.37 5.59
C LYS A 52 0.25 -27.14 6.38
N LEU A 53 0.18 -27.17 7.72
CA LEU A 53 0.76 -26.11 8.61
C LEU A 53 2.23 -25.66 8.27
N LYS A 54 3.17 -26.61 8.18
CA LYS A 54 4.50 -26.39 7.53
C LYS A 54 4.55 -27.31 6.28
N ILE A 55 4.86 -28.61 6.44
CA ILE A 55 4.83 -29.63 5.34
C ILE A 55 4.14 -30.90 5.95
N ASP A 56 2.87 -31.14 5.54
CA ASP A 56 2.05 -32.25 6.07
C ASP A 56 1.04 -32.68 4.96
N SER A 57 -0.17 -32.08 4.87
CA SER A 57 -1.24 -32.44 3.91
C SER A 57 -1.98 -33.73 4.35
N THR A 1 5.59 27.31 -5.73
CA THR A 1 5.47 27.87 -4.36
C THR A 1 6.63 28.89 -4.04
N PRO A 2 6.72 30.12 -4.64
CA PRO A 2 7.85 31.05 -4.43
C PRO A 2 7.63 31.98 -3.20
N ASP A 3 8.66 32.09 -2.32
CA ASP A 3 8.69 33.04 -1.17
C ASP A 3 7.56 32.82 -0.13
N VAL A 4 6.46 33.57 -0.21
CA VAL A 4 5.32 33.43 0.74
C VAL A 4 3.98 33.46 -0.06
N SER A 5 3.02 34.28 0.37
CA SER A 5 1.56 34.12 0.02
C SER A 5 0.99 32.70 0.33
N SER A 6 1.18 32.22 1.59
CA SER A 6 0.91 30.82 2.00
C SER A 6 1.76 29.75 1.23
N ALA A 7 3.11 29.84 1.35
CA ALA A 7 4.06 28.88 0.73
C ALA A 7 4.24 27.53 1.49
N LEU A 8 4.32 27.55 2.84
CA LEU A 8 4.26 26.33 3.68
C LEU A 8 2.93 25.51 3.62
N ASP A 9 1.77 26.18 3.43
CA ASP A 9 0.49 25.52 3.05
C ASP A 9 0.53 24.76 1.68
N LYS A 10 1.09 25.39 0.61
CA LYS A 10 1.36 24.72 -0.69
C LYS A 10 2.43 23.58 -0.68
N LEU A 11 3.43 23.60 0.23
CA LEU A 11 4.40 22.49 0.43
C LEU A 11 3.83 21.23 1.16
N LYS A 12 3.01 21.39 2.22
CA LYS A 12 2.24 20.25 2.81
C LYS A 12 1.08 19.66 1.95
N GLU A 13 0.43 20.47 1.09
CA GLU A 13 -0.53 19.96 0.07
C GLU A 13 0.18 19.25 -1.12
N PHE A 14 1.19 19.88 -1.78
CA PHE A 14 2.10 19.19 -2.72
C PHE A 14 3.30 18.55 -1.93
N GLY A 15 3.02 17.40 -1.33
CA GLY A 15 3.93 16.72 -0.39
C GLY A 15 3.24 15.58 0.40
N ASN A 16 2.01 15.79 0.92
CA ASN A 16 0.96 14.73 0.93
C ASN A 16 0.63 14.12 -0.49
N THR A 17 0.63 14.93 -1.57
CA THR A 17 0.88 14.41 -2.95
C THR A 17 2.36 13.88 -3.05
N LEU A 18 2.54 12.77 -3.79
CA LEU A 18 3.84 12.00 -3.85
C LEU A 18 4.17 11.03 -2.68
N GLU A 19 3.68 11.38 -1.50
CA GLU A 19 3.75 10.53 -0.28
C GLU A 19 2.49 9.62 -0.14
N ASP A 20 1.33 10.19 0.25
CA ASP A 20 0.03 9.48 0.26
C ASP A 20 -0.53 9.10 -1.16
N LYS A 21 -0.36 9.95 -2.20
CA LYS A 21 -0.67 9.60 -3.61
C LYS A 21 0.16 8.42 -4.20
N ALA A 22 1.47 8.28 -3.87
CA ALA A 22 2.23 7.02 -4.17
C ALA A 22 1.83 5.78 -3.32
N ARG A 23 1.53 5.95 -2.00
CA ARG A 23 0.97 4.87 -1.14
C ARG A 23 -0.58 4.79 -1.29
N GLU A 24 -1.03 4.35 -2.47
CA GLU A 24 -2.41 4.52 -3.00
C GLU A 24 -2.38 4.03 -4.50
N LEU A 25 -1.55 4.65 -5.37
CA LEU A 25 -1.28 4.14 -6.74
C LEU A 25 -0.48 2.81 -6.77
N ILE A 26 0.63 2.69 -6.00
CA ILE A 26 1.40 1.42 -5.85
C ILE A 26 0.57 0.33 -5.06
N SER A 27 -0.11 0.67 -3.94
CA SER A 27 -1.04 -0.25 -3.22
C SER A 27 -2.21 -0.85 -4.06
N ARG A 28 -2.81 -0.07 -4.99
CA ARG A 28 -3.76 -0.59 -6.01
C ARG A 28 -3.09 -1.49 -7.11
N ILE A 29 -1.90 -1.12 -7.61
CA ILE A 29 -1.17 -1.85 -8.67
C ILE A 29 -0.57 -3.16 -8.08
N LYS A 30 0.64 -3.11 -7.47
CA LYS A 30 1.40 -4.30 -6.98
C LYS A 30 1.62 -5.39 -8.09
N GLN A 31 2.37 -5.03 -9.15
CA GLN A 31 2.46 -5.80 -10.42
C GLN A 31 1.09 -6.00 -11.15
N SER A 32 0.48 -4.88 -11.60
CA SER A 32 -0.85 -4.81 -12.26
C SER A 32 -2.01 -4.87 -11.23
N GLU A 33 -3.04 -4.01 -11.39
CA GLU A 33 -4.31 -4.12 -10.59
C GLU A 33 -5.30 -5.29 -10.96
N LEU A 34 -4.78 -6.36 -11.57
CA LEU A 34 -5.38 -7.73 -11.55
C LEU A 34 -4.78 -8.54 -10.36
N SER A 35 -3.43 -8.46 -10.16
CA SER A 35 -2.82 -8.56 -8.81
C SER A 35 -3.19 -7.34 -7.88
N ALA A 36 -2.36 -7.13 -6.83
CA ALA A 36 -2.80 -6.55 -5.51
C ALA A 36 -3.82 -7.42 -4.72
N LYS A 37 -4.93 -7.81 -5.36
CA LYS A 37 -5.88 -8.83 -4.82
C LYS A 37 -5.35 -10.29 -4.82
N MET A 38 -4.59 -10.73 -5.85
CA MET A 38 -3.78 -11.98 -5.81
C MET A 38 -2.65 -11.97 -4.73
N ARG A 39 -1.86 -10.87 -4.57
CA ARG A 39 -0.79 -10.79 -3.52
C ARG A 39 -1.31 -10.72 -2.05
N GLU A 40 -2.40 -9.99 -1.76
CA GLU A 40 -3.17 -10.11 -0.48
C GLU A 40 -3.76 -11.54 -0.19
N TRP A 41 -4.29 -12.24 -1.22
CA TRP A 41 -4.70 -13.67 -1.14
C TRP A 41 -3.53 -14.67 -0.91
N PHE A 42 -2.35 -14.55 -1.58
CA PHE A 42 -1.19 -15.46 -1.36
C PHE A 42 -0.58 -15.39 0.07
N SER A 43 -0.51 -14.19 0.67
CA SER A 43 -0.17 -13.99 2.10
C SER A 43 -1.21 -14.56 3.11
N GLU A 44 -2.53 -14.31 2.92
CA GLU A 44 -3.60 -14.90 3.75
C GLU A 44 -3.79 -16.45 3.64
N THR A 45 -3.66 -17.05 2.44
CA THR A 45 -3.62 -18.53 2.25
C THR A 45 -2.38 -19.23 2.90
N PHE A 46 -1.17 -18.65 2.80
CA PHE A 46 0.03 -19.07 3.59
C PHE A 46 -0.17 -19.04 5.15
N GLN A 47 -0.72 -17.95 5.71
CA GLN A 47 -1.19 -17.89 7.13
C GLN A 47 -2.30 -18.92 7.54
N LYS A 48 -3.25 -19.25 6.63
CA LYS A 48 -4.28 -20.31 6.86
C LYS A 48 -3.72 -21.75 7.06
N VAL A 49 -2.73 -22.20 6.26
CA VAL A 49 -1.94 -23.45 6.54
C VAL A 49 -1.15 -23.40 7.89
N LYS A 50 -0.48 -22.27 8.20
CA LYS A 50 0.32 -22.12 9.45
C LYS A 50 -0.51 -22.16 10.76
N GLU A 51 -1.66 -21.45 10.80
CA GLU A 51 -2.73 -21.65 11.81
C GLU A 51 -3.34 -23.10 11.89
N LYS A 52 -3.48 -23.80 10.74
CA LYS A 52 -4.05 -25.19 10.70
C LYS A 52 -2.96 -26.25 10.29
N LEU A 53 -1.78 -26.24 10.95
CA LEU A 53 -0.65 -27.13 10.60
C LEU A 53 -0.81 -28.60 11.15
N LYS A 54 -0.01 -29.56 10.63
CA LYS A 54 -0.01 -30.96 11.11
C LYS A 54 0.92 -31.07 12.34
N ILE A 55 0.31 -31.32 13.51
CA ILE A 55 1.03 -31.45 14.81
C ILE A 55 0.43 -32.67 15.57
N ASP A 56 0.98 -33.87 15.29
CA ASP A 56 0.51 -35.14 15.93
C ASP A 56 1.77 -36.03 16.19
N SER A 57 2.14 -36.93 15.25
CA SER A 57 3.34 -37.82 15.36
C SER A 57 3.15 -38.92 16.44
N THR A 1 19.38 27.58 11.33
CA THR A 1 18.35 28.66 11.41
C THR A 1 17.02 28.09 10.78
N PRO A 2 15.80 28.22 11.41
CA PRO A 2 14.53 27.74 10.81
C PRO A 2 14.01 28.71 9.70
N ASP A 3 14.13 28.28 8.43
CA ASP A 3 13.77 29.12 7.25
C ASP A 3 13.40 28.22 6.04
N VAL A 4 12.47 28.74 5.22
CA VAL A 4 11.95 28.03 4.01
C VAL A 4 12.92 28.35 2.81
N SER A 5 13.10 27.39 1.89
CA SER A 5 13.85 27.60 0.62
C SER A 5 13.15 26.75 -0.48
N SER A 6 11.96 27.21 -0.92
CA SER A 6 10.98 26.41 -1.70
C SER A 6 10.64 24.98 -1.17
N ALA A 7 10.42 24.84 0.15
CA ALA A 7 9.96 23.58 0.79
C ALA A 7 8.41 23.47 0.82
N LEU A 8 7.71 24.47 1.42
CA LEU A 8 6.23 24.62 1.31
C LEU A 8 5.70 24.89 -0.14
N ASP A 9 6.37 25.74 -0.93
CA ASP A 9 6.02 26.02 -2.35
C ASP A 9 5.98 24.76 -3.28
N LYS A 10 7.04 23.92 -3.28
CA LYS A 10 7.04 22.59 -3.94
C LYS A 10 5.98 21.58 -3.41
N LEU A 11 5.76 21.50 -2.08
CA LEU A 11 4.63 20.72 -1.47
C LEU A 11 3.19 21.09 -1.95
N LYS A 12 2.89 22.34 -2.38
CA LYS A 12 1.54 22.76 -2.86
C LYS A 12 1.04 21.99 -4.13
N GLU A 13 1.80 21.97 -5.24
CA GLU A 13 1.35 21.37 -6.53
C GLU A 13 1.33 19.81 -6.55
N PHE A 14 2.44 19.11 -6.22
CA PHE A 14 2.45 17.63 -6.07
C PHE A 14 1.72 17.04 -4.82
N GLY A 15 1.52 17.82 -3.72
CA GLY A 15 0.57 17.47 -2.64
C GLY A 15 -0.91 17.39 -3.07
N ASN A 16 -1.44 18.46 -3.70
CA ASN A 16 -2.75 18.45 -4.41
C ASN A 16 -2.94 17.37 -5.53
N THR A 17 -1.88 17.00 -6.28
CA THR A 17 -1.87 15.82 -7.19
C THR A 17 -2.18 14.47 -6.44
N LEU A 18 -1.47 14.17 -5.34
CA LEU A 18 -1.80 13.03 -4.43
C LEU A 18 -3.01 13.16 -3.45
N GLU A 19 -3.76 14.28 -3.51
CA GLU A 19 -5.12 14.39 -2.91
C GLU A 19 -6.19 13.70 -3.81
N ASP A 20 -6.36 14.14 -5.07
CA ASP A 20 -7.20 13.45 -6.09
C ASP A 20 -6.86 11.96 -6.40
N LYS A 21 -5.57 11.63 -6.55
CA LYS A 21 -5.08 10.23 -6.70
C LYS A 21 -5.33 9.29 -5.48
N ALA A 22 -5.23 9.76 -4.22
CA ALA A 22 -5.58 8.95 -3.02
C ALA A 22 -7.10 8.61 -2.88
N ARG A 23 -8.02 9.60 -2.98
CA ARG A 23 -9.48 9.35 -3.00
C ARG A 23 -9.99 8.47 -4.19
N GLU A 24 -9.41 8.62 -5.40
CA GLU A 24 -9.59 7.66 -6.51
C GLU A 24 -9.04 6.23 -6.21
N LEU A 25 -7.79 6.05 -5.73
CA LEU A 25 -7.21 4.71 -5.44
C LEU A 25 -7.38 4.24 -3.94
N ILE A 26 -8.60 4.40 -3.38
CA ILE A 26 -9.12 3.59 -2.24
C ILE A 26 -10.47 2.96 -2.72
N SER A 27 -11.46 3.73 -3.22
CA SER A 27 -12.65 3.19 -3.92
C SER A 27 -12.26 2.82 -5.39
N ARG A 28 -11.84 1.55 -5.54
CA ARG A 28 -10.93 1.04 -6.62
C ARG A 28 -10.11 -0.12 -5.99
N ILE A 29 -9.27 0.16 -4.96
CA ILE A 29 -8.47 -0.85 -4.23
C ILE A 29 -9.43 -1.67 -3.29
N LYS A 30 -9.74 -1.18 -2.07
CA LYS A 30 -10.57 -1.90 -1.05
C LYS A 30 -10.03 -3.33 -0.68
N GLN A 31 -8.79 -3.40 -0.15
CA GLN A 31 -8.03 -4.66 0.09
C GLN A 31 -7.95 -5.66 -1.13
N SER A 32 -7.64 -5.13 -2.34
CA SER A 32 -7.75 -5.87 -3.62
C SER A 32 -7.06 -5.03 -4.74
N GLU A 33 -6.54 -5.72 -5.76
CA GLU A 33 -5.76 -5.12 -6.90
C GLU A 33 -4.35 -4.52 -6.61
N LEU A 34 -4.16 -3.86 -5.45
CA LEU A 34 -2.84 -3.83 -4.75
C LEU A 34 -2.48 -5.24 -4.18
N SER A 35 -3.45 -5.91 -3.51
CA SER A 35 -3.39 -7.37 -3.29
C SER A 35 -4.21 -8.05 -4.43
N ALA A 36 -5.20 -8.91 -4.12
CA ALA A 36 -5.73 -9.97 -5.05
C ALA A 36 -4.72 -11.08 -5.49
N LYS A 37 -3.53 -10.66 -5.95
CA LYS A 37 -2.37 -11.56 -6.24
C LYS A 37 -1.63 -12.02 -4.94
N MET A 38 -1.35 -11.11 -3.98
CA MET A 38 -0.92 -11.47 -2.61
C MET A 38 -1.95 -12.33 -1.81
N ARG A 39 -3.27 -12.02 -1.85
CA ARG A 39 -4.32 -12.82 -1.14
C ARG A 39 -4.89 -13.87 -2.14
N GLU A 40 -4.23 -15.04 -2.13
CA GLU A 40 -4.11 -15.98 -3.28
C GLU A 40 -2.74 -16.71 -3.05
N TRP A 41 -1.61 -15.98 -3.16
CA TRP A 41 -0.27 -16.44 -2.69
C TRP A 41 -0.16 -16.80 -1.17
N PHE A 42 -0.83 -16.07 -0.25
CA PHE A 42 -0.79 -16.38 1.22
C PHE A 42 -1.46 -17.76 1.58
N SER A 43 -2.62 -18.07 0.94
CA SER A 43 -3.25 -19.42 1.02
C SER A 43 -2.76 -20.30 -0.17
N GLU A 44 -1.51 -20.78 -0.03
CA GLU A 44 -0.68 -21.41 -1.11
C GLU A 44 0.72 -21.63 -0.46
N THR A 45 1.43 -20.53 -0.11
CA THR A 45 2.68 -20.56 0.70
C THR A 45 2.43 -21.06 2.16
N PHE A 46 1.51 -20.43 2.92
CA PHE A 46 1.14 -20.87 4.29
C PHE A 46 -0.13 -21.75 4.17
N GLN A 47 0.13 -23.01 4.55
CA GLN A 47 -0.57 -24.24 4.10
C GLN A 47 0.45 -25.29 3.54
N LYS A 48 1.35 -24.90 2.61
CA LYS A 48 2.60 -25.66 2.32
C LYS A 48 3.60 -25.72 3.52
N VAL A 49 3.73 -24.65 4.35
CA VAL A 49 4.36 -24.74 5.71
C VAL A 49 3.63 -25.76 6.63
N LYS A 50 2.29 -25.65 6.80
CA LYS A 50 1.51 -26.46 7.78
C LYS A 50 1.60 -28.01 7.61
N GLU A 51 1.40 -28.52 6.38
CA GLU A 51 1.63 -29.94 6.02
C GLU A 51 3.05 -30.55 6.29
N LYS A 52 4.12 -29.72 6.30
CA LYS A 52 5.50 -30.18 6.64
C LYS A 52 5.74 -30.13 8.18
N LEU A 53 5.63 -28.93 8.80
CA LEU A 53 5.65 -28.75 10.27
C LEU A 53 4.43 -27.84 10.66
N LYS A 54 3.61 -28.17 11.70
CA LYS A 54 2.35 -27.45 11.98
C LYS A 54 2.64 -26.11 12.71
N ILE A 55 2.45 -24.99 11.98
CA ILE A 55 2.60 -23.61 12.52
C ILE A 55 1.18 -22.98 12.34
N ASP A 56 0.48 -22.76 13.46
CA ASP A 56 -0.90 -22.20 13.47
C ASP A 56 -0.94 -20.67 13.13
N SER A 57 -0.35 -19.79 13.97
CA SER A 57 -0.29 -18.33 13.70
C SER A 57 0.84 -17.97 12.71
N THR A 1 18.31 20.14 -3.33
CA THR A 1 16.95 19.78 -3.82
C THR A 1 15.80 19.68 -2.77
N PRO A 2 15.91 19.13 -1.51
CA PRO A 2 14.74 18.91 -0.62
C PRO A 2 14.38 20.21 0.18
N ASP A 3 13.26 20.84 -0.22
CA ASP A 3 12.85 22.18 0.31
C ASP A 3 11.36 22.11 0.69
N VAL A 4 11.06 22.38 1.97
CA VAL A 4 9.69 22.29 2.55
C VAL A 4 8.89 23.61 2.29
N SER A 5 9.19 24.67 3.06
CA SER A 5 8.42 25.94 3.10
C SER A 5 6.88 25.77 3.34
N SER A 6 6.52 25.07 4.45
CA SER A 6 5.11 24.67 4.77
C SER A 6 4.44 23.80 3.66
N ALA A 7 4.94 22.57 3.43
CA ALA A 7 4.43 21.67 2.36
C ALA A 7 3.12 20.94 2.78
N LEU A 8 3.16 20.08 3.82
CA LEU A 8 1.96 19.44 4.41
C LEU A 8 1.03 20.35 5.27
N ASP A 9 1.48 21.52 5.78
CA ASP A 9 0.62 22.52 6.47
C ASP A 9 -0.30 23.30 5.47
N LYS A 10 0.26 23.96 4.43
CA LYS A 10 -0.55 24.63 3.36
C LYS A 10 -1.39 23.63 2.50
N LEU A 11 -0.75 22.61 1.89
CA LEU A 11 -1.45 21.49 1.21
C LEU A 11 -1.66 20.33 2.25
N LYS A 12 -2.66 20.48 3.14
CA LYS A 12 -3.05 19.42 4.11
C LYS A 12 -3.96 18.31 3.50
N GLU A 13 -5.07 18.66 2.83
CA GLU A 13 -5.93 17.68 2.10
C GLU A 13 -5.35 17.15 0.76
N PHE A 14 -4.65 17.99 -0.05
CA PHE A 14 -3.89 17.52 -1.24
C PHE A 14 -2.60 16.69 -0.88
N GLY A 15 -1.83 17.08 0.16
CA GLY A 15 -0.76 16.20 0.73
C GLY A 15 -1.22 14.80 1.22
N ASN A 16 -2.29 14.76 2.04
CA ASN A 16 -3.01 13.49 2.38
C ASN A 16 -3.51 12.59 1.19
N THR A 17 -3.88 13.16 0.02
CA THR A 17 -4.24 12.40 -1.19
C THR A 17 -3.06 11.54 -1.74
N LEU A 18 -1.91 12.14 -2.15
CA LEU A 18 -0.70 11.37 -2.60
C LEU A 18 0.23 10.73 -1.52
N GLU A 19 -0.13 10.82 -0.23
CA GLU A 19 0.45 9.98 0.86
C GLU A 19 -0.23 8.58 0.90
N ASP A 20 -1.58 8.51 1.05
CA ASP A 20 -2.35 7.24 0.95
C ASP A 20 -2.32 6.56 -0.45
N LYS A 21 -2.40 7.32 -1.57
CA LYS A 21 -2.25 6.78 -2.95
C LYS A 21 -0.87 6.11 -3.24
N ALA A 22 0.26 6.76 -2.88
CA ALA A 22 1.61 6.13 -2.94
C ALA A 22 1.83 4.87 -2.06
N ARG A 23 1.33 4.86 -0.80
CA ARG A 23 1.25 3.64 0.05
C ARG A 23 0.44 2.44 -0.56
N GLU A 24 -0.75 2.71 -1.13
CA GLU A 24 -1.55 1.69 -1.90
C GLU A 24 -0.92 1.16 -3.22
N LEU A 25 0.03 1.87 -3.88
CA LEU A 25 0.82 1.31 -5.02
C LEU A 25 1.74 0.10 -4.65
N ILE A 26 2.44 0.09 -3.49
CA ILE A 26 3.23 -1.11 -3.02
C ILE A 26 2.30 -2.34 -2.67
N SER A 27 1.20 -2.18 -1.92
CA SER A 27 0.17 -3.26 -1.74
C SER A 27 -0.52 -3.81 -3.03
N ARG A 28 -0.70 -2.97 -4.08
CA ARG A 28 -1.02 -3.43 -5.46
C ARG A 28 0.12 -4.24 -6.16
N ILE A 29 1.39 -3.82 -5.98
CA ILE A 29 2.59 -4.44 -6.60
C ILE A 29 2.97 -5.69 -5.75
N LYS A 30 3.89 -5.55 -4.77
CA LYS A 30 4.58 -6.71 -4.09
C LYS A 30 5.40 -7.75 -4.94
N GLN A 31 5.27 -7.69 -6.26
CA GLN A 31 5.80 -8.64 -7.24
C GLN A 31 6.11 -7.78 -8.51
N SER A 32 5.12 -7.59 -9.40
CA SER A 32 5.15 -6.53 -10.45
C SER A 32 3.70 -6.37 -11.00
N GLU A 33 2.86 -5.57 -10.31
CA GLU A 33 1.35 -5.65 -10.40
C GLU A 33 0.65 -7.05 -10.60
N LEU A 34 1.26 -8.11 -10.06
CA LEU A 34 0.64 -9.46 -9.94
C LEU A 34 -0.25 -9.52 -8.68
N SER A 35 0.28 -9.21 -7.49
CA SER A 35 -0.37 -9.51 -6.19
C SER A 35 -1.66 -8.73 -5.74
N ALA A 36 -2.12 -7.64 -6.41
CA ALA A 36 -3.56 -7.26 -6.43
C ALA A 36 -4.59 -8.37 -6.84
N LYS A 37 -4.14 -9.35 -7.66
CA LYS A 37 -4.90 -10.61 -7.93
C LYS A 37 -4.93 -11.59 -6.71
N MET A 38 -3.77 -11.83 -6.06
CA MET A 38 -3.67 -12.56 -4.75
C MET A 38 -4.46 -11.94 -3.55
N ARG A 39 -4.77 -10.62 -3.52
CA ARG A 39 -5.76 -10.04 -2.56
C ARG A 39 -7.22 -10.41 -3.00
N GLU A 40 -8.03 -10.84 -2.02
CA GLU A 40 -9.29 -11.65 -2.22
C GLU A 40 -9.00 -13.14 -1.86
N TRP A 41 -8.07 -13.80 -2.58
CA TRP A 41 -7.52 -15.13 -2.19
C TRP A 41 -6.81 -15.19 -0.79
N PHE A 42 -6.03 -14.16 -0.37
CA PHE A 42 -5.33 -14.16 0.95
C PHE A 42 -6.29 -14.19 2.18
N SER A 43 -7.41 -13.43 2.11
CA SER A 43 -8.51 -13.49 3.12
C SER A 43 -9.30 -14.84 3.15
N GLU A 44 -9.67 -15.40 1.97
CA GLU A 44 -10.16 -16.80 1.83
C GLU A 44 -9.26 -17.91 2.46
N THR A 45 -7.95 -17.89 2.15
CA THR A 45 -6.93 -18.83 2.69
C THR A 45 -6.28 -18.36 4.04
N PHE A 46 -6.89 -17.45 4.84
CA PHE A 46 -6.27 -16.93 6.10
C PHE A 46 -6.50 -17.93 7.26
N GLN A 47 -5.40 -18.62 7.47
CA GLN A 47 -5.26 -19.95 8.12
C GLN A 47 -3.93 -20.59 7.62
N LYS A 48 -3.77 -20.83 6.30
CA LYS A 48 -2.47 -21.21 5.68
C LYS A 48 -1.53 -19.98 5.44
N VAL A 49 -2.06 -18.84 4.94
CA VAL A 49 -1.39 -17.49 5.02
C VAL A 49 -1.02 -17.06 6.47
N LYS A 50 -1.93 -17.26 7.45
CA LYS A 50 -1.73 -16.84 8.85
C LYS A 50 -0.51 -17.53 9.56
N GLU A 51 -0.44 -18.88 9.52
CA GLU A 51 0.79 -19.64 9.91
C GLU A 51 2.11 -19.35 9.13
N LYS A 52 2.04 -18.88 7.86
CA LYS A 52 3.22 -18.66 6.98
C LYS A 52 3.81 -17.22 7.04
N LEU A 53 2.97 -16.16 7.05
CA LEU A 53 3.38 -14.72 6.99
C LEU A 53 3.59 -14.28 5.51
N LYS A 54 4.78 -14.54 4.92
CA LYS A 54 5.12 -14.18 3.50
C LYS A 54 5.42 -12.67 3.31
N ILE A 55 6.32 -12.36 2.36
CA ILE A 55 6.62 -10.98 1.89
C ILE A 55 5.44 -10.16 1.28
N ASP A 56 4.46 -10.80 0.61
CA ASP A 56 3.28 -10.12 0.01
C ASP A 56 2.28 -9.67 1.15
N SER A 57 1.42 -10.58 1.65
CA SER A 57 0.63 -10.35 2.88
C SER A 57 0.08 -11.70 3.38
N THR A 1 3.08 15.63 7.32
CA THR A 1 3.91 14.77 6.45
C THR A 1 5.08 14.10 7.28
N PRO A 2 5.56 12.85 6.99
CA PRO A 2 6.71 12.24 7.68
C PRO A 2 8.05 12.95 7.29
N ASP A 3 8.70 13.59 8.28
CA ASP A 3 9.84 14.52 8.08
C ASP A 3 9.51 15.71 7.13
N VAL A 4 9.12 16.85 7.74
CA VAL A 4 8.55 18.01 7.03
C VAL A 4 9.66 18.90 6.40
N SER A 5 10.23 19.81 7.22
CA SER A 5 11.14 20.90 6.76
C SER A 5 10.57 21.78 5.59
N SER A 6 9.37 22.39 5.82
CA SER A 6 8.60 23.12 4.77
C SER A 6 8.21 22.24 3.53
N ALA A 7 7.39 21.18 3.77
CA ALA A 7 6.94 20.27 2.68
C ALA A 7 5.76 20.84 1.84
N LEU A 8 4.62 21.16 2.47
CA LEU A 8 3.49 21.87 1.80
C LEU A 8 3.65 23.40 1.56
N ASP A 9 4.68 24.08 2.11
CA ASP A 9 5.02 25.49 1.74
C ASP A 9 5.88 25.56 0.44
N LYS A 10 7.07 24.92 0.38
CA LYS A 10 7.91 24.85 -0.86
C LYS A 10 7.24 24.06 -2.01
N LEU A 11 6.82 22.80 -1.78
CA LEU A 11 6.01 22.00 -2.74
C LEU A 11 4.52 22.12 -2.33
N LYS A 12 3.84 23.23 -2.68
CA LYS A 12 2.40 23.45 -2.38
C LYS A 12 1.43 22.63 -3.28
N GLU A 13 1.55 22.71 -4.62
CA GLU A 13 0.86 21.79 -5.57
C GLU A 13 1.41 20.34 -5.59
N PHE A 14 2.75 20.14 -5.65
CA PHE A 14 3.38 18.80 -5.72
C PHE A 14 3.37 17.97 -4.40
N GLY A 15 3.48 18.61 -3.21
CA GLY A 15 3.13 17.96 -1.92
C GLY A 15 1.63 17.72 -1.63
N ASN A 16 0.70 18.48 -2.26
CA ASN A 16 -0.70 18.04 -2.48
C ASN A 16 -0.77 17.10 -3.75
N THR A 17 -1.91 17.02 -4.47
CA THR A 17 -2.03 16.36 -5.80
C THR A 17 -1.87 14.80 -5.73
N LEU A 18 -0.62 14.26 -5.82
CA LEU A 18 -0.33 12.83 -5.52
C LEU A 18 -0.40 12.33 -4.03
N GLU A 19 -0.65 13.25 -3.09
CA GLU A 19 -1.03 12.95 -1.69
C GLU A 19 -2.52 12.49 -1.57
N ASP A 20 -3.49 13.30 -2.05
CA ASP A 20 -4.92 12.91 -2.14
C ASP A 20 -5.23 11.70 -3.08
N LYS A 21 -4.59 11.61 -4.27
CA LYS A 21 -4.65 10.43 -5.16
C LYS A 21 -4.18 9.07 -4.52
N ALA A 22 -3.04 9.04 -3.80
CA ALA A 22 -2.54 7.81 -3.12
C ALA A 22 -3.43 7.26 -1.97
N ARG A 23 -3.88 8.10 -1.01
CA ARG A 23 -4.90 7.72 0.00
C ARG A 23 -6.28 7.24 -0.55
N GLU A 24 -6.79 7.86 -1.63
CA GLU A 24 -7.96 7.36 -2.40
C GLU A 24 -7.75 5.99 -3.11
N LEU A 25 -6.61 5.74 -3.78
CA LEU A 25 -6.32 4.47 -4.51
C LEU A 25 -6.06 3.26 -3.58
N ILE A 26 -5.19 3.36 -2.54
CA ILE A 26 -4.95 2.28 -1.55
C ILE A 26 -6.23 1.93 -0.72
N SER A 27 -7.02 2.91 -0.20
CA SER A 27 -8.35 2.64 0.43
C SER A 27 -9.41 1.88 -0.43
N ARG A 28 -9.51 2.18 -1.74
CA ARG A 28 -10.32 1.39 -2.72
C ARG A 28 -9.80 -0.06 -2.96
N ILE A 29 -8.49 -0.24 -3.22
CA ILE A 29 -7.85 -1.54 -3.53
C ILE A 29 -7.78 -2.42 -2.23
N LYS A 30 -6.81 -2.18 -1.31
CA LYS A 30 -6.55 -3.04 -0.12
C LYS A 30 -6.31 -4.54 -0.49
N GLN A 31 -5.21 -4.80 -1.25
CA GLN A 31 -4.91 -6.13 -1.86
C GLN A 31 -6.04 -6.66 -2.82
N SER A 32 -6.29 -5.94 -3.94
CA SER A 32 -7.37 -6.27 -4.90
C SER A 32 -6.85 -6.11 -6.36
N GLU A 33 -7.03 -4.96 -7.04
CA GLU A 33 -6.30 -4.65 -8.31
C GLU A 33 -4.77 -4.35 -8.19
N LEU A 34 -4.18 -4.38 -6.96
CA LEU A 34 -2.72 -4.63 -6.78
C LEU A 34 -2.37 -6.14 -7.04
N SER A 35 -3.13 -7.06 -6.43
CA SER A 35 -2.94 -8.52 -6.59
C SER A 35 -3.69 -9.01 -7.86
N ALA A 36 -4.86 -9.68 -7.76
CA ALA A 36 -5.62 -10.27 -8.91
C ALA A 36 -4.97 -11.58 -9.45
N LYS A 37 -3.78 -11.47 -10.07
CA LYS A 37 -2.86 -12.64 -10.30
C LYS A 37 -2.24 -13.19 -8.98
N MET A 38 -1.74 -12.32 -8.07
CA MET A 38 -1.31 -12.75 -6.71
C MET A 38 -2.42 -13.36 -5.80
N ARG A 39 -3.72 -13.00 -5.93
CA ARG A 39 -4.85 -13.70 -5.24
C ARG A 39 -5.06 -15.19 -5.65
N GLU A 40 -4.86 -15.56 -6.94
CA GLU A 40 -4.73 -16.99 -7.38
C GLU A 40 -3.54 -17.76 -6.72
N TRP A 41 -2.34 -17.13 -6.66
CA TRP A 41 -1.19 -17.62 -5.85
C TRP A 41 -1.43 -17.72 -4.31
N PHE A 42 -2.15 -16.79 -3.65
CA PHE A 42 -2.55 -16.91 -2.21
C PHE A 42 -3.56 -18.07 -1.93
N SER A 43 -4.50 -18.34 -2.85
CA SER A 43 -5.39 -19.53 -2.79
C SER A 43 -4.71 -20.79 -3.42
N GLU A 44 -3.72 -21.34 -2.68
CA GLU A 44 -2.60 -22.19 -3.20
C GLU A 44 -1.51 -22.15 -2.08
N THR A 45 -0.86 -20.98 -1.87
CA THR A 45 0.35 -20.83 -1.02
C THR A 45 0.08 -20.35 0.45
N PHE A 46 -1.13 -19.87 0.83
CA PHE A 46 -1.39 -19.30 2.19
C PHE A 46 -1.70 -20.46 3.17
N GLN A 47 -0.65 -20.67 3.95
CA GLN A 47 -0.28 -21.94 4.64
C GLN A 47 1.26 -21.87 4.94
N LYS A 48 2.12 -21.71 3.91
CA LYS A 48 3.53 -21.25 4.10
C LYS A 48 3.62 -19.76 4.54
N VAL A 49 3.00 -18.82 3.79
CA VAL A 49 2.84 -17.38 4.21
C VAL A 49 2.21 -17.19 5.63
N LYS A 50 1.12 -17.95 5.91
CA LYS A 50 0.44 -17.96 7.22
C LYS A 50 1.32 -18.37 8.45
N GLU A 51 2.19 -19.40 8.31
CA GLU A 51 3.22 -19.74 9.34
C GLU A 51 4.36 -18.67 9.56
N LYS A 52 4.65 -17.77 8.60
CA LYS A 52 5.54 -16.59 8.82
C LYS A 52 4.82 -15.41 9.56
N LEU A 53 3.60 -15.03 9.15
CA LEU A 53 2.76 -14.01 9.83
C LEU A 53 2.35 -14.37 11.30
N LYS A 54 1.78 -15.58 11.51
CA LYS A 54 1.47 -16.12 12.86
C LYS A 54 2.71 -16.51 13.74
N ILE A 55 3.82 -17.04 13.14
CA ILE A 55 4.98 -17.63 13.85
C ILE A 55 4.57 -19.01 14.44
N ASP A 56 4.95 -20.09 13.74
CA ASP A 56 4.59 -21.49 14.11
C ASP A 56 5.39 -21.98 15.35
N SER A 57 6.71 -22.24 15.22
CA SER A 57 7.58 -22.61 16.37
C SER A 57 8.14 -21.35 17.04
N THR A 1 13.14 41.66 -1.01
CA THR A 1 11.78 41.32 -0.54
C THR A 1 11.18 40.12 -1.38
N PRO A 2 11.58 38.82 -1.19
CA PRO A 2 11.10 37.70 -2.03
C PRO A 2 9.77 37.12 -1.47
N ASP A 3 8.65 37.55 -2.08
CA ASP A 3 7.29 37.23 -1.56
C ASP A 3 6.74 35.98 -2.29
N VAL A 4 6.51 34.91 -1.51
CA VAL A 4 6.19 33.56 -2.05
C VAL A 4 5.05 32.96 -1.16
N SER A 5 5.34 31.89 -0.40
CA SER A 5 4.31 31.00 0.22
C SER A 5 3.19 30.47 -0.75
N SER A 6 3.61 29.99 -1.93
CA SER A 6 2.70 29.57 -3.04
C SER A 6 3.49 28.58 -3.96
N ALA A 7 4.58 29.03 -4.62
CA ALA A 7 5.61 28.09 -5.16
C ALA A 7 6.40 27.30 -4.07
N LEU A 8 6.82 27.98 -2.98
CA LEU A 8 7.29 27.33 -1.72
C LEU A 8 6.23 26.45 -0.99
N ASP A 9 4.93 26.83 -0.99
CA ASP A 9 3.82 25.95 -0.54
C ASP A 9 3.78 24.54 -1.24
N LYS A 10 3.84 24.50 -2.59
CA LYS A 10 4.10 23.24 -3.35
C LYS A 10 5.61 23.07 -3.68
N LEU A 11 6.44 22.93 -2.62
CA LEU A 11 7.87 22.50 -2.72
C LEU A 11 8.12 21.44 -1.60
N LYS A 12 8.09 21.84 -0.30
CA LYS A 12 8.09 20.89 0.84
C LYS A 12 6.84 19.95 0.91
N GLU A 13 5.61 20.50 0.79
CA GLU A 13 4.37 19.69 0.66
C GLU A 13 4.01 19.55 -0.85
N PHE A 14 4.74 18.65 -1.53
CA PHE A 14 4.54 18.32 -2.97
C PHE A 14 5.12 16.90 -3.27
N GLY A 15 6.38 16.58 -2.92
CA GLY A 15 6.82 15.17 -2.75
C GLY A 15 6.18 14.40 -1.56
N ASN A 16 6.05 15.06 -0.38
CA ASN A 16 5.18 14.58 0.73
C ASN A 16 3.65 14.40 0.41
N THR A 17 3.07 15.17 -0.55
CA THR A 17 1.64 15.05 -0.95
C THR A 17 1.30 13.65 -1.56
N LEU A 18 1.95 13.23 -2.66
CA LEU A 18 1.81 11.83 -3.19
C LEU A 18 2.55 10.66 -2.46
N GLU A 19 3.23 10.95 -1.33
CA GLU A 19 3.68 9.94 -0.35
C GLU A 19 2.51 9.49 0.56
N ASP A 20 1.86 10.42 1.30
CA ASP A 20 0.65 10.13 2.12
C ASP A 20 -0.59 9.60 1.31
N LYS A 21 -0.91 10.20 0.14
CA LYS A 21 -1.95 9.67 -0.78
C LYS A 21 -1.75 8.19 -1.24
N ALA A 22 -0.55 7.81 -1.74
CA ALA A 22 -0.22 6.40 -2.06
C ALA A 22 -0.18 5.39 -0.86
N ARG A 23 0.37 5.81 0.31
CA ARG A 23 0.29 5.05 1.59
C ARG A 23 -1.17 4.77 2.10
N GLU A 24 -2.07 5.77 2.07
CA GLU A 24 -3.52 5.60 2.32
C GLU A 24 -4.26 4.67 1.30
N LEU A 25 -4.00 4.78 -0.02
CA LEU A 25 -4.61 3.90 -1.06
C LEU A 25 -4.14 2.41 -0.97
N ILE A 26 -2.82 2.13 -0.93
CA ILE A 26 -2.25 0.75 -0.85
C ILE A 26 -2.61 0.02 0.49
N SER A 27 -2.46 0.65 1.67
CA SER A 27 -2.88 0.06 2.98
C SER A 27 -4.40 -0.28 3.13
N ARG A 28 -5.30 0.57 2.61
CA ARG A 28 -6.76 0.26 2.48
C ARG A 28 -7.10 -0.89 1.47
N ILE A 29 -6.42 -0.94 0.31
CA ILE A 29 -6.59 -1.98 -0.74
C ILE A 29 -5.99 -3.33 -0.25
N LYS A 30 -4.68 -3.56 -0.47
CA LYS A 30 -4.01 -4.89 -0.27
C LYS A 30 -4.64 -6.16 -0.95
N GLN A 31 -5.54 -5.98 -1.93
CA GLN A 31 -6.49 -7.04 -2.40
C GLN A 31 -6.89 -6.93 -3.90
N SER A 32 -7.11 -5.70 -4.37
CA SER A 32 -7.64 -5.41 -5.73
C SER A 32 -6.70 -4.41 -6.45
N GLU A 33 -5.89 -4.93 -7.40
CA GLU A 33 -4.89 -4.14 -8.18
C GLU A 33 -3.53 -3.82 -7.47
N LEU A 34 -3.45 -3.85 -6.13
CA LEU A 34 -2.17 -4.19 -5.43
C LEU A 34 -1.82 -5.70 -5.61
N SER A 35 -2.81 -6.59 -5.37
CA SER A 35 -2.65 -8.05 -5.50
C SER A 35 -2.95 -8.47 -6.97
N ALA A 36 -4.09 -9.14 -7.28
CA ALA A 36 -4.37 -9.79 -8.61
C ALA A 36 -3.48 -11.04 -8.91
N LYS A 37 -2.16 -10.84 -9.09
CA LYS A 37 -1.14 -11.93 -9.08
C LYS A 37 -0.84 -12.51 -7.66
N MET A 38 -0.81 -11.69 -6.59
CA MET A 38 -0.85 -12.19 -5.19
C MET A 38 -2.15 -12.97 -4.81
N ARG A 39 -3.35 -12.62 -5.31
CA ARG A 39 -4.59 -13.44 -5.17
C ARG A 39 -4.45 -14.91 -5.71
N GLU A 40 -3.91 -15.10 -6.93
CA GLU A 40 -3.53 -16.44 -7.48
C GLU A 40 -2.43 -17.19 -6.66
N TRP A 41 -1.36 -16.49 -6.19
CA TRP A 41 -0.33 -17.06 -5.30
C TRP A 41 -0.83 -17.50 -3.88
N PHE A 42 -1.71 -16.73 -3.20
CA PHE A 42 -2.31 -17.14 -1.88
C PHE A 42 -3.21 -18.42 -1.94
N SER A 43 -3.91 -18.66 -3.07
CA SER A 43 -4.55 -19.97 -3.37
C SER A 43 -3.53 -21.12 -3.60
N GLU A 44 -2.50 -20.91 -4.45
CA GLU A 44 -1.35 -21.85 -4.65
C GLU A 44 -0.57 -22.28 -3.37
N THR A 45 -0.29 -21.35 -2.44
CA THR A 45 0.46 -21.61 -1.19
C THR A 45 -0.44 -22.17 -0.05
N PHE A 46 -1.62 -21.56 0.23
CA PHE A 46 -2.53 -22.03 1.30
C PHE A 46 -3.37 -23.25 0.80
N GLN A 47 -2.87 -24.36 1.30
CA GLN A 47 -3.06 -25.75 0.78
C GLN A 47 -1.93 -26.64 1.39
N LYS A 48 -0.63 -26.32 1.15
CA LYS A 48 0.50 -26.84 1.99
C LYS A 48 0.48 -26.27 3.45
N VAL A 49 0.31 -24.94 3.62
CA VAL A 49 0.04 -24.31 4.96
C VAL A 49 -1.27 -24.83 5.64
N LYS A 50 -2.39 -24.96 4.90
CA LYS A 50 -3.70 -25.40 5.45
C LYS A 50 -3.68 -26.83 6.07
N GLU A 51 -3.19 -27.83 5.31
CA GLU A 51 -2.89 -29.20 5.83
C GLU A 51 -1.84 -29.30 6.98
N LYS A 52 -0.90 -28.32 7.10
CA LYS A 52 0.08 -28.26 8.21
C LYS A 52 -0.55 -27.73 9.54
N LEU A 53 -1.09 -26.49 9.54
CA LEU A 53 -1.57 -25.79 10.75
C LEU A 53 -2.80 -24.85 10.52
N LYS A 54 -2.90 -24.15 9.36
CA LYS A 54 -3.85 -23.03 9.12
C LYS A 54 -3.29 -21.71 9.75
N ILE A 55 -3.46 -21.53 11.07
CA ILE A 55 -2.92 -20.37 11.84
C ILE A 55 -2.22 -20.85 13.15
N ASP A 56 -2.96 -21.45 14.11
CA ASP A 56 -2.39 -21.91 15.40
C ASP A 56 -2.32 -23.46 15.39
N SER A 57 -3.37 -24.19 15.84
CA SER A 57 -3.43 -25.68 15.84
C SER A 57 -2.40 -26.32 16.81
N THR A 1 1.56 21.14 2.42
CA THR A 1 2.34 21.34 1.16
C THR A 1 3.88 21.25 1.45
N PRO A 2 4.53 20.05 1.63
CA PRO A 2 5.97 19.96 2.02
C PRO A 2 6.94 20.32 0.85
N ASP A 3 7.74 21.39 1.06
CA ASP A 3 8.66 21.93 0.02
C ASP A 3 10.06 21.26 0.12
N VAL A 4 10.73 21.11 -1.04
CA VAL A 4 12.00 20.34 -1.16
C VAL A 4 13.17 21.36 -1.35
N SER A 5 13.70 21.63 -2.58
CA SER A 5 14.53 22.83 -2.83
C SER A 5 13.62 24.00 -3.32
N SER A 6 12.71 24.45 -2.42
CA SER A 6 11.45 25.16 -2.78
C SER A 6 10.58 24.45 -3.87
N ALA A 7 10.33 23.12 -3.76
CA ALA A 7 9.63 22.35 -4.83
C ALA A 7 8.10 22.60 -4.90
N LEU A 8 7.36 22.30 -3.81
CA LEU A 8 5.93 22.67 -3.67
C LEU A 8 5.62 24.16 -3.29
N ASP A 9 6.61 25.06 -3.26
CA ASP A 9 6.42 26.52 -3.05
C ASP A 9 5.67 27.22 -4.23
N LYS A 10 6.14 27.06 -5.49
CA LYS A 10 5.42 27.50 -6.70
C LYS A 10 4.06 26.76 -6.92
N LEU A 11 4.07 25.41 -6.97
CA LEU A 11 2.82 24.60 -6.98
C LEU A 11 2.39 24.25 -5.52
N LYS A 12 1.84 25.25 -4.79
CA LYS A 12 1.26 25.05 -3.43
C LYS A 12 -0.23 24.62 -3.41
N GLU A 13 -1.07 25.13 -4.33
CA GLU A 13 -2.42 24.54 -4.61
C GLU A 13 -2.38 23.08 -5.18
N PHE A 14 -1.48 22.77 -6.15
CA PHE A 14 -1.20 21.36 -6.58
C PHE A 14 0.00 20.83 -5.74
N GLY A 15 -0.32 20.39 -4.52
CA GLY A 15 0.68 20.19 -3.44
C GLY A 15 -0.01 19.93 -2.09
N ASN A 16 -0.79 20.92 -1.61
CA ASN A 16 -1.72 20.78 -0.46
C ASN A 16 -2.88 19.75 -0.67
N THR A 17 -3.54 19.75 -1.86
CA THR A 17 -4.60 18.76 -2.20
C THR A 17 -4.11 17.28 -2.22
N LEU A 18 -3.05 16.95 -2.99
CA LEU A 18 -2.37 15.61 -2.91
C LEU A 18 -1.29 15.43 -1.80
N GLU A 19 -1.38 16.17 -0.68
CA GLU A 19 -0.81 15.79 0.63
C GLU A 19 -1.87 14.96 1.44
N ASP A 20 -3.02 15.56 1.78
CA ASP A 20 -4.15 14.84 2.44
C ASP A 20 -4.80 13.70 1.57
N LYS A 21 -5.07 13.93 0.27
CA LYS A 21 -5.55 12.86 -0.66
C LYS A 21 -4.56 11.67 -0.88
N ALA A 22 -3.24 11.91 -0.99
CA ALA A 22 -2.22 10.81 -1.06
C ALA A 22 -2.13 9.92 0.21
N ARG A 23 -2.03 10.50 1.43
CA ARG A 23 -2.12 9.77 2.73
C ARG A 23 -3.43 8.95 2.94
N GLU A 24 -4.61 9.54 2.65
CA GLU A 24 -5.91 8.81 2.56
C GLU A 24 -5.97 7.64 1.52
N LEU A 25 -5.34 7.79 0.34
CA LEU A 25 -5.17 6.69 -0.65
C LEU A 25 -4.27 5.50 -0.20
N ILE A 26 -3.22 5.72 0.63
CA ILE A 26 -2.47 4.61 1.31
C ILE A 26 -3.36 3.83 2.34
N SER A 27 -4.16 4.51 3.19
CA SER A 27 -5.20 3.86 4.05
C SER A 27 -6.28 3.00 3.30
N ARG A 28 -6.71 3.41 2.09
CA ARG A 28 -7.49 2.54 1.16
C ARG A 28 -6.68 1.33 0.59
N ILE A 29 -5.44 1.54 0.12
CA ILE A 29 -4.57 0.50 -0.51
C ILE A 29 -4.12 -0.55 0.57
N LYS A 30 -3.10 -0.22 1.40
CA LYS A 30 -2.49 -1.16 2.38
C LYS A 30 -1.89 -2.43 1.71
N GLN A 31 -0.74 -2.25 1.00
CA GLN A 31 -0.08 -3.30 0.18
C GLN A 31 -0.70 -3.67 -1.21
N SER A 32 -2.03 -3.47 -1.40
CA SER A 32 -2.77 -3.91 -2.61
C SER A 32 -2.36 -3.21 -3.95
N GLU A 33 -2.76 -3.81 -5.08
CA GLU A 33 -2.38 -3.37 -6.46
C GLU A 33 -0.90 -3.53 -6.94
N LEU A 34 0.09 -3.45 -6.03
CA LEU A 34 1.31 -4.31 -6.12
C LEU A 34 0.96 -5.77 -5.72
N SER A 35 0.24 -5.96 -4.59
CA SER A 35 -0.34 -7.26 -4.20
C SER A 35 -1.71 -7.43 -4.94
N ALA A 36 -2.83 -7.68 -4.25
CA ALA A 36 -4.09 -8.25 -4.84
C ALA A 36 -3.93 -9.72 -5.36
N LYS A 37 -3.11 -9.93 -6.39
CA LYS A 37 -2.52 -11.26 -6.74
C LYS A 37 -1.59 -11.90 -5.66
N MET A 38 -0.72 -11.12 -4.97
CA MET A 38 0.05 -11.61 -3.80
C MET A 38 -0.83 -11.87 -2.53
N ARG A 39 -1.78 -10.99 -2.17
CA ARG A 39 -2.76 -11.26 -1.06
C ARG A 39 -3.95 -12.09 -1.62
N GLU A 40 -3.73 -13.42 -1.66
CA GLU A 40 -4.45 -14.42 -2.51
C GLU A 40 -3.48 -15.65 -2.57
N TRP A 41 -2.30 -15.48 -3.22
CA TRP A 41 -1.15 -16.42 -3.12
C TRP A 41 -0.61 -16.67 -1.66
N PHE A 42 -0.53 -15.66 -0.77
CA PHE A 42 -0.05 -15.85 0.64
C PHE A 42 -0.96 -16.80 1.50
N SER A 43 -2.29 -16.72 1.30
CA SER A 43 -3.25 -17.70 1.88
C SER A 43 -3.14 -19.14 1.29
N GLU A 44 -3.11 -19.30 -0.06
CA GLU A 44 -2.94 -20.62 -0.73
C GLU A 44 -1.58 -21.34 -0.48
N THR A 45 -0.45 -20.61 -0.47
CA THR A 45 0.89 -21.15 -0.07
C THR A 45 0.97 -21.60 1.44
N PHE A 46 0.38 -20.84 2.39
CA PHE A 46 0.18 -21.29 3.80
C PHE A 46 -0.67 -22.60 3.93
N GLN A 47 -1.88 -22.66 3.31
CA GLN A 47 -2.69 -23.91 3.20
C GLN A 47 -2.00 -25.16 2.56
N LYS A 48 -1.12 -24.97 1.54
CA LYS A 48 -0.23 -26.03 1.01
C LYS A 48 0.75 -26.70 2.06
N VAL A 49 1.35 -25.91 2.98
CA VAL A 49 2.08 -26.45 4.17
C VAL A 49 1.16 -27.33 5.10
N LYS A 50 -0.04 -26.84 5.47
CA LYS A 50 -0.97 -27.59 6.37
C LYS A 50 -1.49 -28.95 5.80
N GLU A 51 -1.96 -28.95 4.54
CA GLU A 51 -2.29 -30.19 3.76
C GLU A 51 -1.15 -31.25 3.65
N LYS A 52 0.13 -30.83 3.61
CA LYS A 52 1.30 -31.76 3.53
C LYS A 52 1.69 -32.34 4.93
N LEU A 53 2.07 -31.49 5.91
CA LEU A 53 2.76 -31.94 7.15
C LEU A 53 2.31 -31.24 8.48
N LYS A 54 2.10 -29.91 8.50
CA LYS A 54 1.99 -29.14 9.77
C LYS A 54 0.58 -29.24 10.44
N ILE A 55 -0.51 -28.86 9.74
CA ILE A 55 -1.92 -29.06 10.20
C ILE A 55 -2.30 -27.93 11.22
N ASP A 56 -3.31 -27.11 10.85
CA ASP A 56 -3.82 -25.97 11.68
C ASP A 56 -2.86 -24.73 11.61
N SER A 57 -1.83 -24.66 12.47
CA SER A 57 -0.96 -23.47 12.62
C SER A 57 0.50 -23.88 12.94
N THR A 1 14.93 22.44 0.98
CA THR A 1 15.35 23.65 1.71
C THR A 1 15.01 23.53 3.24
N PRO A 2 15.82 24.04 4.22
CA PRO A 2 15.50 23.93 5.68
C PRO A 2 14.33 24.86 6.11
N ASP A 3 13.36 24.31 6.87
CA ASP A 3 12.13 25.03 7.34
C ASP A 3 11.15 25.28 6.16
N VAL A 4 11.23 26.46 5.52
CA VAL A 4 10.36 26.80 4.36
C VAL A 4 11.21 27.46 3.23
N SER A 5 10.63 28.41 2.49
CA SER A 5 10.99 28.70 1.07
C SER A 5 10.80 27.46 0.13
N SER A 6 9.54 26.96 0.05
CA SER A 6 9.18 25.71 -0.67
C SER A 6 9.77 24.43 0.00
N ALA A 7 9.27 24.07 1.19
CA ALA A 7 9.60 22.80 1.90
C ALA A 7 8.40 22.37 2.78
N LEU A 8 7.96 23.20 3.76
CA LEU A 8 6.58 23.14 4.32
C LEU A 8 5.47 23.59 3.32
N ASP A 9 5.71 24.68 2.55
CA ASP A 9 4.89 25.06 1.36
C ASP A 9 4.83 24.03 0.19
N LYS A 10 5.90 23.24 -0.07
CA LYS A 10 5.82 22.03 -0.93
C LYS A 10 4.96 20.91 -0.29
N LEU A 11 5.37 20.37 0.88
CA LEU A 11 4.73 19.20 1.55
C LEU A 11 3.19 19.29 1.86
N LYS A 12 2.64 20.48 2.18
CA LYS A 12 1.17 20.68 2.34
C LYS A 12 0.24 20.26 1.16
N GLU A 13 0.70 20.41 -0.10
CA GLU A 13 0.10 19.71 -1.28
C GLU A 13 1.20 19.01 -2.14
N PHE A 14 1.90 18.03 -1.53
CA PHE A 14 2.90 17.16 -2.21
C PHE A 14 3.03 15.82 -1.41
N GLY A 15 3.38 15.84 -0.10
CA GLY A 15 3.18 14.65 0.78
C GLY A 15 1.71 14.27 1.06
N ASN A 16 0.85 15.27 1.36
CA ASN A 16 -0.64 15.13 1.34
C ASN A 16 -1.27 14.60 0.00
N THR A 17 -0.71 14.97 -1.19
CA THR A 17 -1.21 14.51 -2.51
C THR A 17 -1.14 12.95 -2.67
N LEU A 18 0.05 12.32 -2.65
CA LEU A 18 0.16 10.81 -2.70
C LEU A 18 -0.21 9.98 -1.44
N GLU A 19 -0.64 10.63 -0.34
CA GLU A 19 -1.30 9.98 0.82
C GLU A 19 -2.81 9.71 0.56
N ASP A 20 -3.60 10.75 0.23
CA ASP A 20 -5.02 10.60 -0.20
C ASP A 20 -5.23 9.89 -1.59
N LYS A 21 -4.35 10.13 -2.58
CA LYS A 21 -4.36 9.40 -3.89
C LYS A 21 -4.12 7.86 -3.78
N ALA A 22 -3.12 7.40 -2.99
CA ALA A 22 -2.94 5.96 -2.67
C ALA A 22 -4.05 5.30 -1.78
N ARG A 23 -4.61 6.03 -0.79
CA ARG A 23 -5.81 5.58 -0.01
C ARG A 23 -7.09 5.37 -0.89
N GLU A 24 -7.44 6.32 -1.78
CA GLU A 24 -8.49 6.14 -2.81
C GLU A 24 -8.21 4.99 -3.84
N LEU A 25 -6.97 4.83 -4.35
CA LEU A 25 -6.58 3.68 -5.23
C LEU A 25 -6.79 2.27 -4.58
N ILE A 26 -6.32 2.07 -3.33
CA ILE A 26 -6.59 0.83 -2.52
C ILE A 26 -8.11 0.59 -2.22
N SER A 27 -8.94 1.63 -1.98
CA SER A 27 -10.42 1.49 -1.86
C SER A 27 -11.15 0.87 -3.10
N ARG A 28 -10.84 1.32 -4.33
CA ARG A 28 -11.37 0.68 -5.58
C ARG A 28 -10.74 -0.72 -5.89
N ILE A 29 -9.39 -0.85 -5.86
CA ILE A 29 -8.66 -2.10 -6.19
C ILE A 29 -8.88 -3.16 -5.06
N LYS A 30 -8.22 -3.00 -3.89
CA LYS A 30 -8.29 -3.96 -2.75
C LYS A 30 -7.88 -5.42 -3.11
N GLN A 31 -6.63 -5.59 -3.60
CA GLN A 31 -6.12 -6.84 -4.22
C GLN A 31 -7.00 -7.41 -5.38
N SER A 32 -7.17 -6.61 -6.46
CA SER A 32 -7.96 -7.03 -7.65
C SER A 32 -7.41 -6.22 -8.86
N GLU A 33 -6.73 -6.91 -9.79
CA GLU A 33 -5.94 -6.29 -10.90
C GLU A 33 -4.53 -5.72 -10.53
N LEU A 34 -4.28 -5.32 -9.27
CA LEU A 34 -2.92 -5.40 -8.66
C LEU A 34 -2.58 -6.87 -8.26
N SER A 35 -3.56 -7.61 -7.68
CA SER A 35 -3.41 -9.03 -7.35
C SER A 35 -4.62 -9.82 -7.92
N ALA A 36 -4.42 -10.27 -9.15
CA ALA A 36 -5.00 -11.54 -9.66
C ALA A 36 -3.94 -12.66 -9.84
N LYS A 37 -2.67 -12.31 -10.16
CA LYS A 37 -1.51 -13.24 -10.17
C LYS A 37 -1.00 -13.60 -8.73
N MET A 38 -0.90 -12.63 -7.79
CA MET A 38 -0.70 -12.93 -6.35
C MET A 38 -1.86 -13.73 -5.67
N ARG A 39 -3.16 -13.47 -5.97
CA ARG A 39 -4.29 -14.25 -5.36
C ARG A 39 -4.38 -15.75 -5.79
N GLU A 40 -4.17 -16.10 -7.07
CA GLU A 40 -3.93 -17.52 -7.50
C GLU A 40 -2.67 -18.20 -6.88
N TRP A 41 -1.53 -17.48 -6.76
CA TRP A 41 -0.33 -17.92 -6.01
C TRP A 41 -0.56 -18.17 -4.48
N PHE A 42 -1.34 -17.34 -3.74
CA PHE A 42 -1.68 -17.61 -2.31
C PHE A 42 -2.56 -18.87 -2.08
N SER A 43 -3.51 -19.16 -3.01
CA SER A 43 -4.24 -20.46 -3.05
C SER A 43 -3.48 -21.48 -3.93
N GLU A 44 -2.40 -22.04 -3.34
CA GLU A 44 -1.28 -22.74 -4.04
C GLU A 44 -0.15 -22.84 -2.98
N THR A 45 0.49 -21.69 -2.65
CA THR A 45 1.41 -21.52 -1.49
C THR A 45 0.58 -21.00 -0.25
N PHE A 46 -0.30 -21.88 0.23
CA PHE A 46 -1.33 -21.56 1.25
C PHE A 46 -0.83 -21.82 2.69
N GLN A 47 -0.50 -23.08 3.06
CA GLN A 47 0.10 -23.41 4.38
C GLN A 47 1.53 -22.81 4.64
N LYS A 48 2.39 -22.73 3.60
CA LYS A 48 3.70 -22.01 3.68
C LYS A 48 3.65 -20.49 4.00
N VAL A 49 2.55 -19.77 3.68
CA VAL A 49 2.30 -18.39 4.20
C VAL A 49 1.51 -18.43 5.54
N LYS A 50 0.37 -19.12 5.60
CA LYS A 50 -0.61 -19.00 6.70
C LYS A 50 -0.12 -19.52 8.09
N GLU A 51 0.39 -20.76 8.15
CA GLU A 51 1.02 -21.33 9.37
C GLU A 51 2.45 -20.81 9.70
N LYS A 52 3.16 -20.09 8.80
CA LYS A 52 4.47 -19.44 9.12
C LYS A 52 4.27 -18.00 9.68
N LEU A 53 3.41 -17.18 9.04
CA LEU A 53 2.96 -15.87 9.60
C LEU A 53 1.67 -16.12 10.43
N LYS A 54 1.80 -16.49 11.72
CA LYS A 54 0.66 -16.94 12.57
C LYS A 54 0.78 -16.31 13.98
N ILE A 55 1.80 -16.70 14.77
CA ILE A 55 2.13 -16.04 16.08
C ILE A 55 2.77 -14.64 15.82
N ASP A 56 3.90 -14.57 15.06
CA ASP A 56 4.53 -13.28 14.63
C ASP A 56 3.60 -12.26 13.87
N SER A 57 2.88 -12.69 12.81
CA SER A 57 1.93 -11.81 12.08
C SER A 57 0.65 -12.63 11.79
N THR A 1 15.57 19.88 16.39
CA THR A 1 14.22 19.34 16.65
C THR A 1 13.00 20.02 15.92
N PRO A 2 12.83 21.36 15.74
CA PRO A 2 11.57 21.96 15.22
C PRO A 2 11.53 21.92 13.66
N ASP A 3 10.64 21.08 13.12
CA ASP A 3 10.52 20.85 11.65
C ASP A 3 9.43 21.79 11.07
N VAL A 4 9.83 22.58 10.06
CA VAL A 4 8.99 23.67 9.49
C VAL A 4 9.03 23.65 7.93
N SER A 5 10.22 23.57 7.29
CA SER A 5 10.39 23.82 5.83
C SER A 5 9.87 22.61 4.99
N SER A 6 8.56 22.70 4.67
CA SER A 6 7.75 21.57 4.12
C SER A 6 7.70 20.33 5.08
N ALA A 7 7.10 20.51 6.28
CA ALA A 7 6.91 19.41 7.27
C ALA A 7 5.53 18.70 7.06
N LEU A 8 4.41 19.43 7.24
CA LEU A 8 3.04 18.94 6.90
C LEU A 8 2.79 18.69 5.37
N ASP A 9 3.29 19.58 4.50
CA ASP A 9 3.18 19.46 3.00
C ASP A 9 3.62 18.11 2.37
N LYS A 10 4.74 17.49 2.81
CA LYS A 10 5.25 16.21 2.24
C LYS A 10 4.38 14.95 2.49
N LEU A 11 3.80 14.75 3.70
CA LEU A 11 2.86 13.61 3.95
C LEU A 11 1.43 13.75 3.34
N LYS A 12 0.83 14.96 3.26
CA LYS A 12 -0.43 15.19 2.47
C LYS A 12 -0.28 15.00 0.92
N GLU A 13 0.81 15.50 0.32
CA GLU A 13 1.19 15.17 -1.10
C GLU A 13 1.58 13.68 -1.35
N PHE A 14 2.19 12.96 -0.39
CA PHE A 14 2.35 11.48 -0.44
C PHE A 14 1.00 10.71 -0.53
N GLY A 15 0.00 10.97 0.34
CA GLY A 15 -1.38 10.43 0.17
C GLY A 15 -2.09 10.72 -1.17
N ASN A 16 -1.99 11.95 -1.69
CA ASN A 16 -2.43 12.33 -3.06
C ASN A 16 -1.78 11.54 -4.23
N THR A 17 -0.44 11.28 -4.20
CA THR A 17 0.27 10.52 -5.26
C THR A 17 -0.17 9.03 -5.36
N LEU A 18 -0.05 8.21 -4.29
CA LEU A 18 -0.52 6.78 -4.34
C LEU A 18 -2.04 6.49 -4.26
N GLU A 19 -2.88 7.52 -4.08
CA GLU A 19 -4.33 7.48 -4.41
C GLU A 19 -4.61 7.57 -5.94
N ASP A 20 -4.06 8.59 -6.64
CA ASP A 20 -4.08 8.67 -8.12
C ASP A 20 -3.39 7.48 -8.86
N LYS A 21 -2.21 7.01 -8.40
CA LYS A 21 -1.54 5.79 -8.96
C LYS A 21 -2.32 4.45 -8.76
N ALA A 22 -2.94 4.22 -7.58
CA ALA A 22 -3.88 3.07 -7.37
C ALA A 22 -5.17 3.08 -8.24
N ARG A 23 -5.85 4.24 -8.39
CA ARG A 23 -6.96 4.43 -9.37
C ARG A 23 -6.56 4.20 -10.88
N GLU A 24 -5.38 4.70 -11.32
CA GLU A 24 -4.75 4.34 -12.62
C GLU A 24 -4.50 2.82 -12.82
N LEU A 25 -3.95 2.09 -11.83
CA LEU A 25 -3.80 0.60 -11.89
C LEU A 25 -5.12 -0.21 -11.90
N ILE A 26 -6.16 0.19 -11.15
CA ILE A 26 -7.52 -0.47 -11.16
C ILE A 26 -8.25 -0.37 -12.53
N SER A 27 -8.13 0.72 -13.32
CA SER A 27 -8.62 0.77 -14.73
C SER A 27 -8.03 -0.31 -15.71
N ARG A 28 -6.72 -0.63 -15.62
CA ARG A 28 -6.10 -1.80 -16.34
C ARG A 28 -6.51 -3.19 -15.72
N ILE A 29 -6.40 -3.34 -14.38
CA ILE A 29 -6.62 -4.63 -13.65
C ILE A 29 -8.14 -4.96 -13.59
N LYS A 30 -8.89 -4.22 -12.74
CA LYS A 30 -10.35 -4.39 -12.53
C LYS A 30 -10.75 -5.79 -11.97
N GLN A 31 -10.24 -6.09 -10.75
CA GLN A 31 -10.31 -7.42 -10.11
C GLN A 31 -9.81 -8.64 -10.96
N SER A 32 -8.53 -8.61 -11.39
CA SER A 32 -7.88 -9.77 -12.06
C SER A 32 -7.81 -11.14 -11.31
N GLU A 33 -7.58 -11.19 -9.97
CA GLU A 33 -7.12 -12.41 -9.24
C GLU A 33 -5.66 -12.95 -9.56
N LEU A 34 -4.91 -12.23 -10.42
CA LEU A 34 -3.44 -12.12 -10.31
C LEU A 34 -3.11 -10.86 -9.44
N SER A 35 -3.70 -9.69 -9.78
CA SER A 35 -3.72 -8.50 -8.94
C SER A 35 -5.20 -8.25 -8.50
N ALA A 36 -5.33 -8.03 -7.20
CA ALA A 36 -6.49 -8.47 -6.35
C ALA A 36 -5.98 -9.56 -5.36
N LYS A 37 -5.23 -10.58 -5.84
CA LYS A 37 -4.25 -11.30 -4.97
C LYS A 37 -3.02 -10.44 -4.51
N MET A 38 -2.47 -9.52 -5.34
CA MET A 38 -1.41 -8.56 -4.92
C MET A 38 -1.86 -7.30 -4.09
N ARG A 39 -3.15 -7.16 -3.69
CA ARG A 39 -3.63 -5.97 -2.92
C ARG A 39 -4.61 -6.36 -1.78
N GLU A 40 -5.74 -7.06 -2.06
CA GLU A 40 -6.69 -7.54 -1.01
C GLU A 40 -6.09 -8.71 -0.16
N TRP A 41 -5.64 -9.82 -0.78
CA TRP A 41 -4.83 -10.87 -0.12
C TRP A 41 -3.42 -10.40 0.39
N PHE A 42 -2.71 -9.48 -0.29
CA PHE A 42 -1.40 -8.93 0.21
C PHE A 42 -1.50 -8.18 1.58
N SER A 43 -2.57 -7.39 1.78
CA SER A 43 -2.91 -6.78 3.10
C SER A 43 -3.21 -7.81 4.23
N GLU A 44 -4.03 -8.85 3.95
CA GLU A 44 -4.22 -10.02 4.86
C GLU A 44 -2.96 -10.91 5.13
N THR A 45 -2.08 -11.12 4.13
CA THR A 45 -1.03 -12.18 4.15
C THR A 45 0.32 -11.61 3.61
N PHE A 46 0.89 -10.69 4.38
CA PHE A 46 2.26 -10.16 4.19
C PHE A 46 2.87 -9.80 5.58
N GLN A 47 2.31 -8.80 6.30
CA GLN A 47 2.68 -8.51 7.72
C GLN A 47 2.19 -9.56 8.76
N LYS A 48 1.03 -10.23 8.54
CA LYS A 48 0.62 -11.46 9.28
C LYS A 48 1.64 -12.65 9.20
N VAL A 49 2.20 -12.95 8.00
CA VAL A 49 3.33 -13.92 7.83
C VAL A 49 4.63 -13.49 8.60
N LYS A 50 5.04 -12.21 8.53
CA LYS A 50 6.28 -11.72 9.18
C LYS A 50 6.27 -11.76 10.74
N GLU A 51 5.15 -11.34 11.37
CA GLU A 51 4.84 -11.65 12.80
C GLU A 51 4.71 -13.17 13.15
N LYS A 52 4.21 -14.02 12.22
CA LYS A 52 4.03 -15.48 12.46
C LYS A 52 4.97 -16.36 11.56
N LEU A 53 6.30 -16.09 11.60
CA LEU A 53 7.32 -16.95 10.95
C LEU A 53 7.64 -18.18 11.88
N LYS A 54 7.41 -19.44 11.42
CA LYS A 54 7.63 -20.65 12.26
C LYS A 54 7.76 -21.91 11.37
N ILE A 55 8.56 -22.89 11.84
CA ILE A 55 8.73 -24.22 11.17
C ILE A 55 7.45 -25.10 11.14
N ASP A 56 6.78 -25.34 12.30
CA ASP A 56 5.54 -26.15 12.38
C ASP A 56 4.38 -25.22 12.83
N SER A 57 4.08 -25.12 14.15
CA SER A 57 2.98 -24.26 14.67
C SER A 57 3.37 -23.76 16.07
N THR A 1 13.72 37.26 -3.19
CA THR A 1 12.50 37.40 -4.02
C THR A 1 11.47 36.20 -3.99
N PRO A 2 11.80 34.87 -4.00
CA PRO A 2 10.78 33.79 -4.16
C PRO A 2 10.09 33.43 -2.81
N ASP A 3 8.80 33.78 -2.71
CA ASP A 3 8.01 33.57 -1.45
C ASP A 3 7.35 32.17 -1.49
N VAL A 4 7.76 31.32 -0.54
CA VAL A 4 7.40 29.88 -0.52
C VAL A 4 6.57 29.62 0.78
N SER A 5 7.20 29.49 1.98
CA SER A 5 6.52 29.13 3.26
C SER A 5 5.59 27.87 3.19
N SER A 6 6.18 26.70 2.87
CA SER A 6 5.45 25.44 2.55
C SER A 6 4.43 25.57 1.37
N ALA A 7 4.95 25.82 0.15
CA ALA A 7 4.13 25.87 -1.10
C ALA A 7 4.87 25.11 -2.22
N LEU A 8 5.95 25.68 -2.79
CA LEU A 8 6.90 24.96 -3.68
C LEU A 8 8.21 24.55 -2.91
N ASP A 9 7.99 23.83 -1.81
CA ASP A 9 9.05 23.52 -0.78
C ASP A 9 9.56 22.05 -0.83
N LYS A 10 9.96 21.71 -2.06
CA LYS A 10 10.28 20.31 -2.50
C LYS A 10 9.18 19.25 -2.19
N LEU A 11 7.91 19.56 -2.58
CA LEU A 11 6.68 18.84 -2.14
C LEU A 11 6.65 18.26 -0.68
N LYS A 12 6.81 19.14 0.34
CA LYS A 12 6.56 18.74 1.77
C LYS A 12 5.05 18.55 2.15
N GLU A 13 4.19 19.50 1.71
CA GLU A 13 2.73 19.48 1.93
C GLU A 13 1.97 18.47 1.00
N PHE A 14 2.19 18.52 -0.33
CA PHE A 14 1.65 17.52 -1.29
C PHE A 14 2.22 16.07 -1.10
N GLY A 15 3.54 15.89 -0.87
CA GLY A 15 4.12 14.58 -0.48
C GLY A 15 3.49 13.86 0.73
N ASN A 16 3.25 14.58 1.84
CA ASN A 16 2.42 14.10 2.98
C ASN A 16 0.92 13.77 2.66
N THR A 17 0.25 14.49 1.72
CA THR A 17 -1.15 14.25 1.32
C THR A 17 -1.36 12.84 0.66
N LEU A 18 -0.69 12.52 -0.48
CA LEU A 18 -0.72 11.15 -1.07
C LEU A 18 0.08 9.99 -0.38
N GLU A 19 0.79 10.31 0.72
CA GLU A 19 1.32 9.31 1.69
C GLU A 19 0.19 8.76 2.62
N ASP A 20 -0.55 9.63 3.34
CA ASP A 20 -1.73 9.25 4.15
C ASP A 20 -2.91 8.66 3.31
N LYS A 21 -3.30 9.27 2.17
CA LYS A 21 -4.31 8.71 1.23
C LYS A 21 -4.00 7.28 0.69
N ALA A 22 -2.76 7.01 0.23
CA ALA A 22 -2.32 5.62 -0.10
C ALA A 22 -2.25 4.60 1.08
N ARG A 23 -1.96 5.03 2.32
CA ARG A 23 -2.09 4.17 3.54
C ARG A 23 -3.54 3.67 3.82
N GLU A 24 -4.56 4.56 3.81
CA GLU A 24 -5.99 4.17 3.88
C GLU A 24 -6.53 3.34 2.67
N LEU A 25 -6.11 3.64 1.42
CA LEU A 25 -6.52 2.87 0.21
C LEU A 25 -5.91 1.43 0.12
N ILE A 26 -4.59 1.26 0.35
CA ILE A 26 -3.91 -0.07 0.30
C ILE A 26 -4.33 -0.98 1.50
N SER A 27 -4.27 -0.51 2.77
CA SER A 27 -4.78 -1.27 3.94
C SER A 27 -6.33 -1.09 4.05
N ARG A 28 -7.04 -1.98 3.33
CA ARG A 28 -8.44 -1.80 2.81
C ARG A 28 -8.55 -2.73 1.56
N ILE A 29 -7.75 -2.46 0.50
CA ILE A 29 -7.63 -3.32 -0.72
C ILE A 29 -6.90 -4.64 -0.33
N LYS A 30 -5.54 -4.68 -0.30
CA LYS A 30 -4.74 -5.92 -0.05
C LYS A 30 -4.96 -7.16 -1.00
N GLN A 31 -5.68 -6.99 -2.12
CA GLN A 31 -6.30 -8.11 -2.91
C GLN A 31 -6.44 -7.79 -4.42
N SER A 32 -6.90 -6.57 -4.74
CA SER A 32 -7.16 -6.13 -6.14
C SER A 32 -6.13 -5.04 -6.54
N GLU A 33 -5.12 -5.43 -7.34
CA GLU A 33 -4.00 -4.54 -7.78
C GLU A 33 -2.87 -4.25 -6.74
N LEU A 34 -3.08 -4.46 -5.42
CA LEU A 34 -1.97 -4.76 -4.48
C LEU A 34 -1.40 -6.20 -4.73
N SER A 35 -2.30 -7.21 -4.81
CA SER A 35 -1.93 -8.58 -5.24
C SER A 35 -1.98 -8.64 -6.80
N ALA A 36 -2.82 -9.51 -7.40
CA ALA A 36 -2.64 -10.01 -8.81
C ALA A 36 -1.36 -10.86 -9.09
N LYS A 37 -0.18 -10.40 -8.65
CA LYS A 37 1.09 -11.18 -8.64
C LYS A 37 1.26 -12.08 -7.37
N MET A 38 0.88 -11.64 -6.15
CA MET A 38 0.68 -12.55 -4.99
C MET A 38 -0.39 -13.67 -5.19
N ARG A 39 -1.46 -13.50 -6.03
CA ARG A 39 -2.25 -14.66 -6.54
C ARG A 39 -1.51 -15.21 -7.80
N GLU A 40 -1.02 -16.46 -7.68
CA GLU A 40 0.18 -17.01 -8.42
C GLU A 40 1.14 -17.59 -7.34
N TRP A 41 1.66 -16.74 -6.43
CA TRP A 41 2.34 -17.20 -5.18
C TRP A 41 1.42 -18.00 -4.19
N PHE A 42 0.15 -17.61 -3.94
CA PHE A 42 -0.79 -18.41 -3.08
C PHE A 42 -1.16 -19.81 -3.65
N SER A 43 -1.27 -19.95 -4.99
CA SER A 43 -1.43 -21.27 -5.67
C SER A 43 -0.19 -22.23 -5.61
N GLU A 44 1.05 -21.70 -5.73
CA GLU A 44 2.29 -22.46 -5.46
C GLU A 44 2.52 -22.76 -3.94
N THR A 45 2.51 -21.72 -3.09
CA THR A 45 2.59 -21.82 -1.60
C THR A 45 1.15 -21.95 -0.98
N PHE A 46 0.52 -23.08 -1.30
CA PHE A 46 -0.91 -23.35 -0.96
C PHE A 46 -1.06 -24.02 0.44
N GLN A 47 -0.50 -25.22 0.66
CA GLN A 47 -0.52 -25.90 1.99
C GLN A 47 0.23 -25.17 3.14
N LYS A 48 1.35 -24.48 2.85
CA LYS A 48 2.09 -23.62 3.83
C LYS A 48 1.25 -22.46 4.43
N VAL A 49 0.55 -21.67 3.59
CA VAL A 49 -0.48 -20.67 4.06
C VAL A 49 -1.69 -21.35 4.75
N LYS A 50 -2.35 -22.34 4.13
CA LYS A 50 -3.69 -22.83 4.54
C LYS A 50 -3.83 -23.47 5.96
N GLU A 51 -2.79 -24.14 6.49
CA GLU A 51 -2.73 -24.52 7.94
C GLU A 51 -2.80 -23.32 8.95
N LYS A 52 -2.18 -22.16 8.62
CA LYS A 52 -2.36 -20.88 9.36
C LYS A 52 -3.71 -20.16 9.06
N LEU A 53 -4.14 -20.11 7.78
CA LEU A 53 -5.43 -19.50 7.30
C LEU A 53 -5.20 -18.06 6.73
N LYS A 54 -4.80 -17.09 7.58
CA LYS A 54 -4.71 -15.64 7.23
C LYS A 54 -6.11 -14.99 7.10
N ILE A 55 -6.46 -14.07 8.02
CA ILE A 55 -7.66 -13.21 7.92
C ILE A 55 -7.63 -12.20 6.72
N ASP A 56 -6.51 -11.46 6.52
CA ASP A 56 -6.34 -10.50 5.40
C ASP A 56 -6.08 -11.22 4.04
N SER A 57 -4.84 -11.73 3.80
CA SER A 57 -4.41 -12.34 2.51
C SER A 57 -4.21 -11.27 1.41
N THR A 1 20.32 30.92 4.68
CA THR A 1 18.95 31.16 5.19
C THR A 1 17.95 30.09 4.63
N PRO A 2 16.88 29.61 5.34
CA PRO A 2 15.91 28.63 4.79
C PRO A 2 14.88 29.32 3.84
N ASP A 3 15.04 29.09 2.52
CA ASP A 3 14.24 29.76 1.47
C ASP A 3 13.05 28.85 1.08
N VAL A 4 11.83 29.35 1.35
CA VAL A 4 10.57 28.56 1.26
C VAL A 4 9.70 29.14 0.10
N SER A 5 9.16 30.39 0.22
CA SER A 5 8.22 31.00 -0.77
C SER A 5 6.97 30.12 -1.13
N SER A 6 6.18 29.75 -0.11
CA SER A 6 5.07 28.76 -0.21
C SER A 6 5.48 27.36 -0.82
N ALA A 7 6.43 26.67 -0.16
CA ALA A 7 6.83 25.28 -0.51
C ALA A 7 6.34 24.28 0.57
N LEU A 8 6.75 24.45 1.85
CA LEU A 8 6.16 23.75 3.00
C LEU A 8 4.66 24.09 3.34
N ASP A 9 4.18 25.32 3.04
CA ASP A 9 2.74 25.69 3.15
C ASP A 9 1.78 24.86 2.24
N LYS A 10 2.10 24.69 0.94
CA LYS A 10 1.37 23.75 0.05
C LYS A 10 1.58 22.23 0.35
N LEU A 11 2.83 21.78 0.59
CA LEU A 11 3.17 20.34 0.81
C LEU A 11 2.62 19.68 2.11
N LYS A 12 2.44 20.43 3.23
CA LYS A 12 1.86 19.90 4.49
C LYS A 12 0.43 19.26 4.41
N GLU A 13 -0.50 19.85 3.65
CA GLU A 13 -1.86 19.29 3.40
C GLU A 13 -2.02 18.60 2.02
N PHE A 14 -1.59 19.23 0.90
CA PHE A 14 -1.66 18.62 -0.47
C PHE A 14 -0.72 17.38 -0.67
N GLY A 15 0.56 17.44 -0.23
CA GLY A 15 1.45 16.25 -0.20
C GLY A 15 1.01 15.07 0.70
N ASN A 16 0.56 15.35 1.93
CA ASN A 16 -0.05 14.32 2.84
C ASN A 16 -1.38 13.66 2.33
N THR A 17 -2.27 14.39 1.64
CA THR A 17 -3.46 13.81 0.94
C THR A 17 -3.05 12.80 -0.17
N LEU A 18 -2.23 13.20 -1.17
CA LEU A 18 -1.66 12.26 -2.20
C LEU A 18 -0.63 11.18 -1.75
N GLU A 19 -0.23 11.17 -0.46
CA GLU A 19 0.54 10.08 0.18
C GLU A 19 -0.38 8.88 0.55
N ASP A 20 -1.41 9.10 1.41
CA ASP A 20 -2.45 8.08 1.71
C ASP A 20 -3.34 7.65 0.50
N LYS A 21 -3.72 8.58 -0.40
CA LYS A 21 -4.44 8.27 -1.68
C LYS A 21 -3.68 7.29 -2.63
N ALA A 22 -2.36 7.49 -2.86
CA ALA A 22 -1.51 6.53 -3.62
C ALA A 22 -1.24 5.16 -2.93
N ARG A 23 -1.04 5.11 -1.60
CA ARG A 23 -0.97 3.82 -0.82
C ARG A 23 -2.28 2.97 -0.87
N GLU A 24 -3.47 3.59 -0.70
CA GLU A 24 -4.79 2.96 -0.94
C GLU A 24 -5.05 2.49 -2.41
N LEU A 25 -4.65 3.27 -3.43
CA LEU A 25 -4.76 2.88 -4.87
C LEU A 25 -3.84 1.68 -5.28
N ILE A 26 -2.55 1.66 -4.86
CA ILE A 26 -1.62 0.51 -5.09
C ILE A 26 -2.08 -0.80 -4.35
N SER A 27 -2.55 -0.74 -3.08
CA SER A 27 -3.22 -1.88 -2.39
C SER A 27 -4.46 -2.49 -3.11
N ARG A 28 -5.34 -1.66 -3.69
CA ARG A 28 -6.42 -2.11 -4.62
C ARG A 28 -5.91 -2.73 -5.96
N ILE A 29 -4.92 -2.09 -6.63
CA ILE A 29 -4.43 -2.46 -7.97
C ILE A 29 -3.51 -3.72 -7.90
N LYS A 30 -2.25 -3.56 -7.46
CA LYS A 30 -1.19 -4.62 -7.48
C LYS A 30 -1.02 -5.31 -8.87
N GLN A 31 -0.58 -4.50 -9.87
CA GLN A 31 -0.51 -4.90 -11.31
C GLN A 31 -1.79 -5.56 -11.92
N SER A 32 -2.97 -4.93 -11.73
CA SER A 32 -4.29 -5.52 -12.08
C SER A 32 -4.49 -5.94 -13.57
N GLU A 33 -5.14 -7.10 -13.78
CA GLU A 33 -5.34 -7.74 -15.13
C GLU A 33 -4.14 -8.57 -15.69
N LEU A 34 -2.91 -8.10 -15.50
CA LEU A 34 -1.70 -8.99 -15.47
C LEU A 34 -1.71 -9.96 -14.24
N SER A 35 -2.10 -9.44 -13.05
CA SER A 35 -2.31 -10.25 -11.83
C SER A 35 -3.73 -10.89 -11.88
N ALA A 36 -4.69 -10.49 -11.02
CA ALA A 36 -6.04 -11.15 -10.87
C ALA A 36 -5.99 -12.59 -10.30
N LYS A 37 -5.43 -13.54 -11.05
CA LYS A 37 -5.04 -14.90 -10.56
C LYS A 37 -3.85 -14.87 -9.54
N MET A 38 -2.81 -14.03 -9.75
CA MET A 38 -1.78 -13.71 -8.70
C MET A 38 -2.38 -13.18 -7.36
N ARG A 39 -3.30 -12.19 -7.38
CA ARG A 39 -3.96 -11.67 -6.14
C ARG A 39 -4.81 -12.72 -5.34
N GLU A 40 -5.67 -13.50 -6.02
CA GLU A 40 -6.42 -14.63 -5.40
C GLU A 40 -5.52 -15.79 -4.85
N TRP A 41 -4.47 -16.21 -5.59
CA TRP A 41 -3.43 -17.14 -5.12
C TRP A 41 -2.56 -16.64 -3.92
N PHE A 42 -2.18 -15.34 -3.84
CA PHE A 42 -1.44 -14.78 -2.65
C PHE A 42 -2.26 -14.84 -1.32
N SER A 43 -3.60 -14.67 -1.38
CA SER A 43 -4.52 -14.97 -0.24
C SER A 43 -4.60 -16.49 0.14
N GLU A 44 -4.70 -17.41 -0.85
CA GLU A 44 -4.63 -18.89 -0.62
C GLU A 44 -3.30 -19.36 0.05
N THR A 45 -2.13 -19.01 -0.52
CA THR A 45 -0.79 -19.36 0.01
C THR A 45 -0.50 -18.79 1.44
N PHE A 46 -0.82 -17.51 1.72
CA PHE A 46 -0.81 -16.93 3.09
C PHE A 46 -1.64 -17.72 4.15
N GLN A 47 -2.93 -18.03 3.88
CA GLN A 47 -3.79 -18.83 4.80
C GLN A 47 -3.34 -20.32 5.03
N LYS A 48 -2.81 -21.02 4.02
CA LYS A 48 -2.25 -22.41 4.17
C LYS A 48 -1.02 -22.53 5.12
N VAL A 49 -0.03 -21.61 5.05
CA VAL A 49 1.06 -21.49 6.08
C VAL A 49 0.52 -21.08 7.48
N LYS A 50 -0.34 -20.04 7.54
CA LYS A 50 -0.85 -19.44 8.79
C LYS A 50 -1.69 -20.38 9.71
N GLU A 51 -2.65 -21.14 9.16
CA GLU A 51 -3.35 -22.26 9.87
C GLU A 51 -2.46 -23.40 10.48
N LYS A 52 -1.29 -23.69 9.87
CA LYS A 52 -0.29 -24.62 10.46
C LYS A 52 0.53 -24.01 11.64
N LEU A 53 0.97 -22.73 11.56
CA LEU A 53 1.65 -22.00 12.65
C LEU A 53 0.68 -21.65 13.83
N LYS A 54 1.19 -21.57 15.07
CA LYS A 54 0.35 -21.28 16.28
C LYS A 54 1.22 -20.66 17.41
N ILE A 55 2.23 -21.39 17.94
CA ILE A 55 3.18 -20.86 18.96
C ILE A 55 4.44 -20.39 18.18
N ASP A 56 4.48 -19.07 17.89
CA ASP A 56 5.52 -18.47 17.02
C ASP A 56 6.66 -17.86 17.90
N SER A 57 6.51 -16.62 18.41
CA SER A 57 7.52 -15.97 19.29
C SER A 57 6.77 -15.22 20.42
N THR A 1 3.87 14.91 -4.78
CA THR A 1 4.10 16.37 -4.77
C THR A 1 4.89 16.85 -3.50
N PRO A 2 6.22 16.57 -3.32
CA PRO A 2 7.00 17.03 -2.12
C PRO A 2 7.61 18.45 -2.37
N ASP A 3 6.85 19.49 -1.98
CA ASP A 3 7.22 20.91 -2.19
C ASP A 3 8.24 21.45 -1.14
N VAL A 4 9.09 22.38 -1.60
CA VAL A 4 10.23 22.94 -0.79
C VAL A 4 9.79 24.08 0.19
N SER A 5 8.84 24.98 -0.18
CA SER A 5 8.27 25.99 0.78
C SER A 5 7.52 25.49 2.06
N SER A 6 7.13 24.22 2.04
CA SER A 6 6.87 23.40 3.26
C SER A 6 8.22 22.75 3.73
N ALA A 7 8.76 21.78 2.96
CA ALA A 7 9.98 20.99 3.31
C ALA A 7 9.70 19.75 4.21
N LEU A 8 8.90 19.93 5.28
CA LEU A 8 8.35 18.83 6.10
C LEU A 8 6.97 19.28 6.68
N ASP A 9 6.97 20.27 7.60
CA ASP A 9 5.73 20.92 8.18
C ASP A 9 4.65 19.98 8.80
N LYS A 10 5.20 19.04 9.57
CA LYS A 10 4.46 17.87 10.15
C LYS A 10 3.70 17.02 9.09
N LEU A 11 4.45 16.49 8.09
CA LEU A 11 3.90 15.74 6.91
C LEU A 11 2.75 16.50 6.15
N LYS A 12 2.99 17.74 5.70
CA LYS A 12 2.11 18.46 4.73
C LYS A 12 2.90 18.80 3.43
N GLU A 13 3.44 17.74 2.78
CA GLU A 13 4.21 17.79 1.51
C GLU A 13 4.57 16.34 1.08
N PHE A 14 5.26 15.56 1.94
CA PHE A 14 5.35 14.08 1.78
C PHE A 14 4.07 13.30 2.24
N GLY A 15 3.28 13.79 3.22
CA GLY A 15 1.85 13.38 3.37
C GLY A 15 0.92 13.62 2.15
N ASN A 16 1.08 14.79 1.47
CA ASN A 16 0.48 15.03 0.12
C ASN A 16 1.04 14.14 -1.04
N THR A 17 2.33 13.72 -1.03
CA THR A 17 2.89 12.70 -1.96
C THR A 17 2.19 11.31 -1.81
N LEU A 18 2.13 10.73 -0.59
CA LEU A 18 1.34 9.49 -0.31
C LEU A 18 -0.22 9.60 -0.26
N GLU A 19 -0.78 10.79 -0.48
CA GLU A 19 -2.23 10.99 -0.79
C GLU A 19 -2.55 10.62 -2.27
N ASP A 20 -1.87 11.24 -3.25
CA ASP A 20 -1.98 10.86 -4.69
C ASP A 20 -1.56 9.40 -5.07
N LYS A 21 -0.47 8.87 -4.45
CA LYS A 21 -0.07 7.44 -4.57
C LYS A 21 -1.14 6.43 -4.06
N ALA A 22 -1.70 6.62 -2.84
CA ALA A 22 -2.83 5.80 -2.33
C ALA A 22 -4.18 5.91 -3.12
N ARG A 23 -4.60 7.13 -3.51
CA ARG A 23 -5.76 7.36 -4.41
C ARG A 23 -5.66 6.66 -5.81
N GLU A 24 -4.49 6.71 -6.48
CA GLU A 24 -4.17 5.89 -7.68
C GLU A 24 -4.22 4.34 -7.46
N LEU A 25 -3.63 3.82 -6.37
CA LEU A 25 -3.55 2.35 -6.11
C LEU A 25 -4.89 1.68 -5.65
N ILE A 26 -5.70 2.30 -4.78
CA ILE A 26 -7.06 1.80 -4.42
C ILE A 26 -8.05 1.87 -5.63
N SER A 27 -8.14 3.01 -6.36
CA SER A 27 -8.87 3.11 -7.67
C SER A 27 -8.46 2.08 -8.78
N ARG A 28 -7.16 1.75 -8.89
CA ARG A 28 -6.67 0.60 -9.71
C ARG A 28 -7.22 -0.77 -9.21
N ILE A 29 -6.91 -1.15 -7.95
CA ILE A 29 -7.19 -2.50 -7.37
C ILE A 29 -8.63 -3.06 -7.59
N LYS A 30 -9.65 -2.44 -6.97
CA LYS A 30 -11.06 -2.94 -7.08
C LYS A 30 -11.79 -2.81 -8.46
N GLN A 31 -11.10 -2.30 -9.48
CA GLN A 31 -11.46 -2.46 -10.90
C GLN A 31 -10.19 -2.78 -11.77
N SER A 32 -9.46 -3.88 -11.47
CA SER A 32 -8.33 -4.37 -12.31
C SER A 32 -8.09 -5.88 -12.13
N GLU A 33 -7.54 -6.51 -13.19
CA GLU A 33 -6.87 -7.84 -13.09
C GLU A 33 -5.44 -7.89 -12.41
N LEU A 34 -4.93 -6.76 -11.87
CA LEU A 34 -3.75 -6.74 -10.96
C LEU A 34 -4.09 -7.22 -9.52
N SER A 35 -5.31 -6.96 -9.01
CA SER A 35 -5.78 -7.45 -7.69
C SER A 35 -5.91 -8.97 -7.43
N ALA A 36 -6.42 -9.81 -8.36
CA ALA A 36 -6.18 -11.28 -8.34
C ALA A 36 -4.68 -11.76 -8.35
N LYS A 37 -3.73 -10.88 -8.75
CA LYS A 37 -2.27 -11.15 -8.58
C LYS A 37 -1.77 -10.91 -7.12
N MET A 38 -2.12 -9.75 -6.49
CA MET A 38 -2.03 -9.53 -5.02
C MET A 38 -2.68 -10.63 -4.12
N ARG A 39 -3.89 -11.09 -4.46
CA ARG A 39 -4.69 -12.06 -3.64
C ARG A 39 -4.14 -13.53 -3.67
N GLU A 40 -3.75 -14.05 -4.85
CA GLU A 40 -2.91 -15.28 -4.95
C GLU A 40 -1.52 -15.18 -4.23
N TRP A 41 -0.79 -14.05 -4.35
CA TRP A 41 0.44 -13.76 -3.57
C TRP A 41 0.26 -13.74 -2.02
N PHE A 42 -0.83 -13.17 -1.44
CA PHE A 42 -1.09 -13.23 0.03
C PHE A 42 -1.34 -14.67 0.59
N SER A 43 -1.94 -15.58 -0.22
CA SER A 43 -1.99 -17.03 0.10
C SER A 43 -0.60 -17.74 0.03
N GLU A 44 0.16 -17.56 -1.07
CA GLU A 44 1.56 -18.06 -1.24
C GLU A 44 2.60 -17.58 -0.17
N THR A 45 2.51 -16.30 0.28
CA THR A 45 3.42 -15.72 1.31
C THR A 45 2.97 -16.07 2.76
N PHE A 46 1.68 -15.86 3.14
CA PHE A 46 1.19 -16.16 4.51
C PHE A 46 0.87 -17.67 4.64
N GLN A 47 1.82 -18.27 5.33
CA GLN A 47 2.19 -19.72 5.31
C GLN A 47 3.66 -19.83 5.82
N LYS A 48 4.63 -19.19 5.14
CA LYS A 48 5.97 -18.87 5.71
C LYS A 48 5.89 -17.88 6.93
N VAL A 49 5.14 -16.77 6.79
CA VAL A 49 4.78 -15.85 7.92
C VAL A 49 3.91 -16.53 9.02
N LYS A 50 2.88 -17.34 8.67
CA LYS A 50 1.98 -18.01 9.64
C LYS A 50 2.68 -18.93 10.70
N GLU A 51 3.72 -19.69 10.30
CA GLU A 51 4.63 -20.41 11.24
C GLU A 51 5.26 -19.56 12.40
N LYS A 52 5.57 -18.27 12.16
CA LYS A 52 6.06 -17.33 13.20
C LYS A 52 4.86 -16.56 13.85
N LEU A 53 4.18 -15.69 13.09
CA LEU A 53 3.03 -14.89 13.56
C LEU A 53 1.73 -15.59 13.05
N LYS A 54 1.09 -16.46 13.87
CA LYS A 54 -0.08 -17.27 13.40
C LYS A 54 -1.40 -16.50 13.57
N ILE A 55 -2.04 -16.17 12.43
CA ILE A 55 -3.42 -15.60 12.39
C ILE A 55 -4.23 -16.68 11.60
N ASP A 56 -4.90 -17.58 12.34
CA ASP A 56 -5.56 -18.77 11.74
C ASP A 56 -6.94 -18.41 11.11
N SER A 57 -8.00 -18.18 11.92
CA SER A 57 -9.37 -17.84 11.44
C SER A 57 -10.06 -19.02 10.74
N THR A 1 19.54 18.05 -1.16
CA THR A 1 18.09 17.77 -1.22
C THR A 1 17.30 19.12 -1.00
N PRO A 2 16.32 19.56 -1.84
CA PRO A 2 15.59 20.84 -1.63
C PRO A 2 14.53 20.74 -0.49
N ASP A 3 14.62 21.68 0.48
CA ASP A 3 13.76 21.69 1.68
C ASP A 3 12.29 22.10 1.38
N VAL A 4 12.04 23.41 1.18
CA VAL A 4 10.64 23.94 1.07
C VAL A 4 10.61 25.16 0.11
N SER A 5 11.15 26.31 0.55
CA SER A 5 11.04 27.62 -0.14
C SER A 5 9.59 28.06 -0.53
N SER A 6 8.67 28.05 0.47
CA SER A 6 7.20 28.21 0.26
C SER A 6 6.58 27.18 -0.75
N ALA A 7 6.58 25.88 -0.38
CA ALA A 7 5.92 24.82 -1.19
C ALA A 7 4.44 24.60 -0.73
N LEU A 8 4.21 24.22 0.55
CA LEU A 8 2.86 24.20 1.16
C LEU A 8 2.26 25.61 1.47
N ASP A 9 3.06 26.61 1.89
CA ASP A 9 2.60 28.02 2.07
C ASP A 9 2.06 28.70 0.77
N LYS A 10 2.77 28.61 -0.37
CA LYS A 10 2.26 29.07 -1.69
C LYS A 10 1.06 28.21 -2.21
N LEU A 11 1.26 26.89 -2.41
CA LEU A 11 0.19 25.94 -2.82
C LEU A 11 -0.36 25.23 -1.55
N LYS A 12 -1.29 25.88 -0.82
CA LYS A 12 -1.92 25.31 0.41
C LYS A 12 -3.02 24.26 0.12
N GLU A 13 -4.11 24.62 -0.58
CA GLU A 13 -5.17 23.66 -1.00
C GLU A 13 -4.75 22.63 -2.11
N PHE A 14 -3.99 23.06 -3.14
CA PHE A 14 -3.36 22.13 -4.13
C PHE A 14 -2.28 21.18 -3.51
N GLY A 15 -1.33 21.68 -2.68
CA GLY A 15 -0.38 20.81 -1.92
C GLY A 15 -1.00 19.74 -0.99
N ASN A 16 -2.03 20.12 -0.20
CA ASN A 16 -2.93 19.17 0.51
C ASN A 16 -3.67 18.11 -0.37
N THR A 17 -4.12 18.44 -1.60
CA THR A 17 -4.81 17.49 -2.53
C THR A 17 -3.88 16.30 -2.96
N LEU A 18 -2.73 16.55 -3.62
CA LEU A 18 -1.74 15.47 -3.95
C LEU A 18 -0.83 14.90 -2.80
N GLU A 19 -1.01 15.39 -1.55
CA GLU A 19 -0.51 14.72 -0.33
C GLU A 19 -1.39 13.49 0.06
N ASP A 20 -2.72 13.67 0.26
CA ASP A 20 -3.68 12.55 0.47
C ASP A 20 -3.76 11.49 -0.67
N LYS A 21 -3.80 11.93 -1.94
CA LYS A 21 -3.72 11.04 -3.13
C LYS A 21 -2.44 10.16 -3.21
N ALA A 22 -1.23 10.74 -3.09
CA ALA A 22 0.05 9.98 -3.02
C ALA A 22 0.16 8.93 -1.86
N ARG A 23 -0.18 9.31 -0.62
CA ARG A 23 -0.34 8.39 0.54
C ARG A 23 -1.34 7.21 0.33
N GLU A 24 -2.52 7.44 -0.27
CA GLU A 24 -3.44 6.37 -0.72
C GLU A 24 -2.89 5.43 -1.85
N LEU A 25 -2.11 5.93 -2.82
CA LEU A 25 -1.36 5.08 -3.80
C LEU A 25 -0.32 4.12 -3.15
N ILE A 26 0.43 4.53 -2.09
CA ILE A 26 1.28 3.61 -1.28
C ILE A 26 0.42 2.53 -0.53
N SER A 27 -0.64 2.92 0.23
CA SER A 27 -1.61 1.98 0.85
C SER A 27 -2.73 1.47 -0.11
N ARG A 28 -2.29 0.83 -1.21
CA ARG A 28 -3.14 0.13 -2.22
C ARG A 28 -2.24 -0.75 -3.15
N ILE A 29 -1.05 -0.25 -3.59
CA ILE A 29 0.10 -1.07 -4.06
C ILE A 29 0.51 -2.20 -3.05
N LYS A 30 0.88 -1.86 -1.80
CA LYS A 30 1.26 -2.87 -0.76
C LYS A 30 0.14 -3.77 -0.13
N GLN A 31 -1.11 -3.60 -0.59
CA GLN A 31 -2.29 -4.43 -0.19
C GLN A 31 -2.97 -5.23 -1.35
N SER A 32 -2.78 -4.82 -2.61
CA SER A 32 -3.36 -5.46 -3.81
C SER A 32 -2.27 -5.45 -4.93
N GLU A 33 -2.06 -6.62 -5.55
CA GLU A 33 -0.98 -6.86 -6.57
C GLU A 33 0.52 -6.89 -6.12
N LEU A 34 0.88 -6.34 -4.94
CA LEU A 34 1.93 -6.94 -4.09
C LEU A 34 1.34 -8.14 -3.28
N SER A 35 0.16 -7.95 -2.65
CA SER A 35 -0.60 -9.02 -2.00
C SER A 35 -1.88 -9.36 -2.81
N ALA A 36 -1.66 -10.18 -3.82
CA ALA A 36 -2.59 -11.30 -4.17
C ALA A 36 -1.94 -12.71 -3.93
N LYS A 37 -0.59 -12.80 -3.89
CA LYS A 37 0.14 -14.00 -3.37
C LYS A 37 -0.03 -14.27 -1.83
N MET A 38 -0.31 -13.24 -1.01
CA MET A 38 -0.51 -13.36 0.45
C MET A 38 -1.98 -13.61 0.94
N ARG A 39 -3.03 -13.46 0.08
CA ARG A 39 -4.45 -13.57 0.51
C ARG A 39 -5.32 -14.40 -0.48
N GLU A 40 -5.32 -14.06 -1.79
CA GLU A 40 -6.05 -14.82 -2.84
C GLU A 40 -5.44 -16.22 -3.15
N TRP A 41 -4.10 -16.32 -3.28
CA TRP A 41 -3.35 -17.61 -3.26
C TRP A 41 -3.49 -18.41 -1.92
N PHE A 42 -3.43 -17.80 -0.71
CA PHE A 42 -3.69 -18.53 0.57
C PHE A 42 -5.11 -19.19 0.67
N SER A 43 -6.15 -18.52 0.12
CA SER A 43 -7.52 -19.09 0.01
C SER A 43 -7.67 -20.29 -0.98
N GLU A 44 -7.10 -20.21 -2.20
CA GLU A 44 -7.02 -21.35 -3.16
C GLU A 44 -6.10 -22.53 -2.68
N THR A 45 -4.87 -22.22 -2.24
CA THR A 45 -3.87 -23.22 -1.72
C THR A 45 -4.04 -23.57 -0.19
N PHE A 46 -5.24 -23.42 0.40
CA PHE A 46 -5.46 -23.49 1.88
C PHE A 46 -5.12 -24.83 2.60
N GLN A 47 -5.36 -26.00 1.97
CA GLN A 47 -4.93 -27.32 2.52
C GLN A 47 -3.37 -27.57 2.54
N LYS A 48 -2.59 -27.03 1.59
CA LYS A 48 -1.10 -26.99 1.69
C LYS A 48 -0.56 -25.93 2.71
N VAL A 49 -1.27 -24.81 3.03
CA VAL A 49 -1.05 -24.02 4.29
C VAL A 49 -1.23 -24.89 5.58
N LYS A 50 -2.32 -25.69 5.68
CA LYS A 50 -2.58 -26.55 6.85
C LYS A 50 -1.51 -27.66 7.11
N GLU A 51 -1.13 -28.41 6.05
CA GLU A 51 0.07 -29.31 6.06
C GLU A 51 1.44 -28.64 6.47
N LYS A 52 1.66 -27.36 6.10
CA LYS A 52 2.86 -26.58 6.51
C LYS A 52 2.74 -25.79 7.87
N LEU A 53 1.55 -25.74 8.53
CA LEU A 53 1.30 -24.99 9.78
C LEU A 53 1.68 -23.48 9.70
N LYS A 54 0.96 -22.72 8.83
CA LYS A 54 1.33 -21.33 8.42
C LYS A 54 2.61 -21.34 7.54
N ILE A 55 2.44 -21.33 6.20
CA ILE A 55 3.56 -21.38 5.24
C ILE A 55 4.43 -20.09 5.20
N ASP A 56 3.84 -18.89 5.06
CA ASP A 56 4.58 -17.60 5.11
C ASP A 56 3.73 -16.55 5.88
N SER A 57 2.90 -15.72 5.20
CA SER A 57 2.02 -14.71 5.85
C SER A 57 0.71 -14.59 5.04
N THR A 1 10.17 36.52 -6.48
CA THR A 1 10.17 37.58 -5.45
C THR A 1 9.40 37.30 -4.11
N PRO A 2 8.22 36.61 -3.99
CA PRO A 2 7.56 36.33 -2.67
C PRO A 2 8.39 35.43 -1.72
N ASP A 3 8.27 35.69 -0.39
CA ASP A 3 9.10 35.03 0.64
C ASP A 3 8.58 33.60 0.96
N VAL A 4 9.47 32.61 0.78
CA VAL A 4 9.16 31.17 0.97
C VAL A 4 9.07 30.78 2.48
N SER A 5 8.57 29.56 2.70
CA SER A 5 7.92 29.13 3.97
C SER A 5 6.53 29.74 4.35
N SER A 6 6.09 30.80 3.64
CA SER A 6 4.68 31.28 3.67
C SER A 6 4.33 32.20 2.44
N ALA A 7 4.51 31.67 1.21
CA ALA A 7 4.05 32.31 -0.06
C ALA A 7 4.25 31.28 -1.21
N LEU A 8 5.51 30.95 -1.57
CA LEU A 8 5.86 29.72 -2.33
C LEU A 8 5.69 28.36 -1.55
N ASP A 9 5.34 28.34 -0.25
CA ASP A 9 4.95 27.13 0.52
C ASP A 9 3.76 26.30 -0.08
N LYS A 10 2.65 26.97 -0.45
CA LYS A 10 1.51 26.35 -1.18
C LYS A 10 1.87 25.81 -2.60
N LEU A 11 2.66 26.56 -3.40
CA LEU A 11 3.13 26.11 -4.75
C LEU A 11 4.06 24.85 -4.72
N LYS A 12 5.12 24.84 -3.89
CA LYS A 12 6.01 23.64 -3.74
C LYS A 12 5.33 22.37 -3.11
N GLU A 13 4.49 22.53 -2.06
CA GLU A 13 3.67 21.43 -1.49
C GLU A 13 2.28 21.39 -2.19
N PHE A 14 2.27 20.84 -3.42
CA PHE A 14 1.06 20.68 -4.27
C PHE A 14 1.33 19.53 -5.31
N GLY A 15 2.42 19.57 -6.10
CA GLY A 15 2.96 18.34 -6.76
C GLY A 15 3.51 17.26 -5.81
N ASN A 16 4.29 17.66 -4.77
CA ASN A 16 4.63 16.80 -3.62
C ASN A 16 3.42 16.27 -2.78
N THR A 17 2.32 17.03 -2.60
CA THR A 17 1.04 16.54 -2.00
C THR A 17 0.42 15.34 -2.80
N LEU A 18 0.19 15.50 -4.12
CA LEU A 18 -0.24 14.37 -5.01
C LEU A 18 0.81 13.26 -5.38
N GLU A 19 2.05 13.36 -4.87
CA GLU A 19 3.05 12.26 -4.90
C GLU A 19 2.78 11.23 -3.76
N ASP A 20 2.76 11.68 -2.48
CA ASP A 20 2.32 10.83 -1.33
C ASP A 20 0.84 10.32 -1.39
N LYS A 21 -0.11 11.20 -1.76
CA LYS A 21 -1.54 10.82 -1.97
C LYS A 21 -1.77 9.69 -3.03
N ALA A 22 -1.15 9.78 -4.22
CA ALA A 22 -1.18 8.69 -5.24
C ALA A 22 -0.52 7.35 -4.80
N ARG A 23 0.70 7.37 -4.20
CA ARG A 23 1.38 6.16 -3.66
C ARG A 23 0.59 5.39 -2.56
N GLU A 24 0.09 6.09 -1.52
CA GLU A 24 -0.87 5.51 -0.53
C GLU A 24 -2.25 5.04 -1.11
N LEU A 25 -2.77 5.65 -2.19
CA LEU A 25 -3.94 5.12 -2.95
C LEU A 25 -3.70 3.76 -3.67
N ILE A 26 -2.51 3.49 -4.26
CA ILE A 26 -2.15 2.14 -4.81
C ILE A 26 -2.14 1.02 -3.71
N SER A 27 -1.47 1.23 -2.56
CA SER A 27 -1.54 0.29 -1.40
C SER A 27 -2.97 0.03 -0.82
N ARG A 28 -3.81 1.07 -0.63
CA ARG A 28 -5.25 0.92 -0.26
C ARG A 28 -6.09 0.03 -1.24
N ILE A 29 -6.05 0.32 -2.56
CA ILE A 29 -6.73 -0.47 -3.63
C ILE A 29 -6.23 -1.95 -3.72
N LYS A 30 -4.91 -2.18 -3.89
CA LYS A 30 -4.30 -3.54 -3.90
C LYS A 30 -4.36 -4.41 -2.60
N GLN A 31 -4.70 -3.79 -1.47
CA GLN A 31 -5.06 -4.51 -0.21
C GLN A 31 -6.53 -5.05 -0.09
N SER A 32 -7.43 -4.70 -1.02
CA SER A 32 -8.71 -5.43 -1.24
C SER A 32 -8.95 -5.60 -2.77
N GLU A 33 -8.27 -6.59 -3.37
CA GLU A 33 -8.53 -7.07 -4.76
C GLU A 33 -8.40 -8.63 -4.78
N LEU A 34 -9.27 -9.31 -3.99
CA LEU A 34 -9.03 -10.69 -3.45
C LEU A 34 -7.60 -10.88 -2.83
N SER A 35 -7.29 -9.88 -2.01
CA SER A 35 -6.06 -9.06 -2.11
C SER A 35 -4.93 -9.42 -3.14
N ALA A 36 -4.68 -8.42 -3.99
CA ALA A 36 -3.76 -8.52 -5.14
C ALA A 36 -2.25 -8.28 -4.81
N LYS A 37 -1.92 -7.43 -3.82
CA LYS A 37 -0.63 -7.49 -3.08
C LYS A 37 -0.39 -8.82 -2.28
N MET A 38 -1.41 -9.41 -1.59
CA MET A 38 -1.26 -10.75 -0.95
C MET A 38 -1.13 -11.98 -1.92
N ARG A 39 -1.39 -11.86 -3.24
CA ARG A 39 -1.53 -13.05 -4.14
C ARG A 39 -0.26 -13.92 -4.35
N GLU A 40 0.91 -13.32 -4.62
CA GLU A 40 2.21 -14.06 -4.70
C GLU A 40 2.65 -14.76 -3.37
N TRP A 41 2.56 -14.05 -2.23
CA TRP A 41 2.64 -14.67 -0.86
C TRP A 41 1.57 -15.76 -0.55
N PHE A 42 0.31 -15.64 -1.02
CA PHE A 42 -0.77 -16.65 -0.77
C PHE A 42 -0.44 -18.06 -1.35
N SER A 43 0.06 -18.11 -2.60
CA SER A 43 0.61 -19.36 -3.21
C SER A 43 1.86 -19.97 -2.50
N GLU A 44 2.79 -19.13 -2.01
CA GLU A 44 3.95 -19.56 -1.18
C GLU A 44 3.57 -20.15 0.22
N THR A 45 2.73 -19.46 1.01
CA THR A 45 2.40 -19.82 2.42
C THR A 45 1.27 -20.88 2.56
N PHE A 46 0.12 -20.71 1.86
CA PHE A 46 -1.08 -21.58 2.00
C PHE A 46 -0.90 -23.09 1.70
N GLN A 47 -0.07 -23.47 0.71
CA GLN A 47 0.39 -24.88 0.51
C GLN A 47 0.95 -25.63 1.77
N LYS A 48 1.76 -24.98 2.63
CA LYS A 48 2.17 -25.54 3.96
C LYS A 48 1.00 -25.66 5.00
N VAL A 49 0.10 -24.67 5.09
CA VAL A 49 -1.15 -24.76 5.93
C VAL A 49 -2.10 -25.94 5.51
N LYS A 50 -2.39 -26.08 4.20
CA LYS A 50 -3.36 -27.06 3.65
C LYS A 50 -2.94 -28.55 3.80
N GLU A 51 -1.70 -28.92 3.43
CA GLU A 51 -1.09 -30.25 3.78
C GLU A 51 -0.99 -30.61 5.30
N LYS A 52 -0.86 -29.61 6.18
CA LYS A 52 -0.90 -29.80 7.66
C LYS A 52 -2.33 -30.03 8.24
N LEU A 53 -3.34 -29.25 7.77
CA LEU A 53 -4.74 -29.27 8.31
C LEU A 53 -4.95 -28.25 9.48
N LYS A 54 -4.12 -28.30 10.54
CA LYS A 54 -4.24 -27.43 11.76
C LYS A 54 -5.41 -27.94 12.63
N ILE A 55 -5.12 -28.95 13.49
CA ILE A 55 -6.16 -29.80 14.16
C ILE A 55 -6.78 -30.74 13.09
N ASP A 56 -6.27 -31.98 12.98
CA ASP A 56 -6.74 -32.97 11.96
C ASP A 56 -8.21 -33.45 12.10
N SER A 57 -8.59 -34.03 13.26
CA SER A 57 -9.99 -34.45 13.53
C SER A 57 -10.74 -33.31 14.24
#